data_5RLQ
#
_entry.id   5RLQ
#
_cell.length_a   59.338
_cell.length_b   70.474
_cell.length_c   85.777
_cell.angle_alpha   102.760
_cell.angle_beta   96.290
_cell.angle_gamma   112.260
#
_symmetry.space_group_name_H-M   'P 1'
#
loop_
_entity.id
_entity.type
_entity.pdbx_description
1 polymer Helicase
2 non-polymer N-methyl-2-(methylsulfonyl)aniline
3 non-polymer 'ZINC ION'
4 non-polymer 'PHOSPHATE ION'
5 water water
#
_entity_poly.entity_id   1
_entity_poly.type   'polypeptide(L)'
_entity_poly.pdbx_seq_one_letter_code
;AVGACVLCNSQTSLRCGACIRRPFLCCKCCYDHVISTSHKLVLSVNPYVCNAPGCDVTDVTQLYLGGMSYYCKSHKPPIS
FPLCANGQVFGLYKNTCVGSDNVTDFNAIATCDWTNAGDYILANTCTERLKLFAAETLKATEETFKLSYGIATVREVLSD
RELHLSWEVGKPRPPLNRNYVFTGYRVTKNSKVQIGEYTFEKGDYGDAVVYRGTTTYKLNVGDYFVLTSHTVMPLSAPTL
VPQEHYVRITGLYPTLNISDEFSSNVANYQKVGMQKYSTLQGPPGTGKSHFAIGLALYYPSARIVYTACSHAAVDALCEK
ALKYLPIDKCSRIIPARARVECFDKFKVNSTLEQYVFCTVNALPETTADIVVFDEISMATNYDLSVVNARLRAKHYVYIG
DPAQLPAPRTLLTKGTLEPEYFNSVCRLMKTIGPDMFLGTCRRCPAEIVDTVSALVYDNKLKAHKDKSAQCFKMFYKGVI
THDVSSAINRPQIGVVREFLTRNPAWRKAVFISPYNSQNAVASKILGLPTQTVDSSQGSEYDYVIFTQTTETAHSCNVNR
FNVAITRAKVGILCIMSDRDLYDKLQFTSLEIPRRNVATLQ
;
_entity_poly.pdbx_strand_id   A,B
#
loop_
_chem_comp.id
_chem_comp.type
_chem_comp.name
_chem_comp.formula
PO4 non-polymer 'PHOSPHATE ION' 'O4 P -3'
UVA non-polymer N-methyl-2-(methylsulfonyl)aniline 'C8 H11 N O2 S'
ZN non-polymer 'ZINC ION' 'Zn 2'
#
# COMPACT_ATOMS: atom_id res chain seq x y z
N ALA A 1 -14.69 9.10 -21.39
CA ALA A 1 -15.81 9.99 -21.10
C ALA A 1 -17.17 9.29 -21.23
N VAL A 2 -17.20 7.98 -20.96
CA VAL A 2 -18.41 7.17 -21.02
C VAL A 2 -18.67 6.63 -19.63
N GLY A 3 -19.60 7.26 -18.92
CA GLY A 3 -19.88 6.87 -17.55
C GLY A 3 -21.33 6.83 -17.17
N ALA A 4 -21.59 6.60 -15.89
CA ALA A 4 -22.94 6.48 -15.36
C ALA A 4 -23.38 7.69 -14.50
N CYS A 5 -24.62 8.14 -14.69
CA CYS A 5 -25.24 9.27 -14.01
C CYS A 5 -25.28 9.09 -12.49
N VAL A 6 -24.66 10.02 -11.73
CA VAL A 6 -24.67 9.93 -10.28
C VAL A 6 -26.06 10.07 -9.66
N LEU A 7 -27.13 10.38 -10.42
CA LEU A 7 -28.48 10.51 -9.82
C LEU A 7 -29.47 9.43 -10.23
N CYS A 8 -29.40 8.96 -11.48
CA CYS A 8 -30.34 7.92 -11.93
C CYS A 8 -29.68 6.73 -12.65
N ASN A 9 -28.31 6.74 -12.78
CA ASN A 9 -27.48 5.67 -13.37
C ASN A 9 -27.53 5.60 -14.90
N SER A 10 -28.47 6.35 -15.54
CA SER A 10 -28.62 6.41 -17.01
C SER A 10 -27.30 6.73 -17.69
N GLN A 11 -26.82 5.81 -18.54
CA GLN A 11 -25.57 5.93 -19.31
C GLN A 11 -25.44 7.31 -19.97
N THR A 12 -24.28 8.00 -19.81
CA THR A 12 -24.11 9.31 -20.46
C THR A 12 -22.67 9.69 -20.71
N SER A 13 -22.48 10.55 -21.72
CA SER A 13 -21.20 11.16 -22.06
C SER A 13 -21.01 12.48 -21.24
N LEU A 14 -22.10 13.09 -20.73
CA LEU A 14 -22.09 14.33 -19.95
C LEU A 14 -21.52 14.21 -18.53
N ARG A 15 -20.63 15.13 -18.18
CA ARG A 15 -20.01 15.32 -16.86
C ARG A 15 -20.12 16.82 -16.59
N CYS A 16 -20.46 17.23 -15.34
CA CYS A 16 -20.48 18.67 -15.05
C CYS A 16 -19.05 19.19 -14.87
N GLY A 17 -18.72 20.26 -15.57
CA GLY A 17 -17.40 20.86 -15.53
C GLY A 17 -17.22 21.81 -14.36
N ALA A 18 -18.33 22.39 -13.87
CA ALA A 18 -18.31 23.32 -12.74
C ALA A 18 -18.27 22.64 -11.35
N CYS A 19 -18.63 21.35 -11.30
CA CYS A 19 -18.52 20.51 -10.11
C CYS A 19 -17.06 20.18 -9.91
N ILE A 20 -16.53 20.26 -8.67
CA ILE A 20 -15.12 19.97 -8.39
C ILE A 20 -14.79 18.46 -8.57
N ARG A 21 -15.80 17.58 -8.56
CA ARG A 21 -15.59 16.16 -8.78
C ARG A 21 -15.91 15.71 -10.24
N ARG A 22 -16.48 16.62 -11.09
CA ARG A 22 -16.89 16.36 -12.49
C ARG A 22 -17.74 15.09 -12.63
N PRO A 23 -18.86 15.03 -11.90
CA PRO A 23 -19.70 13.82 -11.94
C PRO A 23 -20.42 13.60 -13.25
N PHE A 24 -20.63 12.32 -13.61
CA PHE A 24 -21.38 11.97 -14.80
C PHE A 24 -22.88 12.27 -14.52
N LEU A 25 -23.52 13.05 -15.40
CA LEU A 25 -24.93 13.43 -15.29
C LEU A 25 -25.62 13.07 -16.61
N CYS A 26 -26.82 12.50 -16.48
CA CYS A 26 -27.59 12.12 -17.66
C CYS A 26 -28.23 13.34 -18.32
N CYS A 27 -28.71 13.22 -19.57
CA CYS A 27 -29.33 14.33 -20.29
C CYS A 27 -30.42 15.07 -19.48
N LYS A 28 -31.35 14.32 -18.87
CA LYS A 28 -32.44 14.88 -18.11
C LYS A 28 -31.98 15.58 -16.82
N CYS A 29 -31.01 14.97 -16.12
CA CYS A 29 -30.47 15.48 -14.85
C CYS A 29 -29.46 16.64 -15.03
N CYS A 30 -28.57 16.54 -16.04
CA CYS A 30 -27.62 17.59 -16.39
C CYS A 30 -28.35 18.92 -16.64
N TYR A 31 -29.51 18.84 -17.29
CA TYR A 31 -30.34 20.00 -17.55
C TYR A 31 -30.83 20.60 -16.26
N ASP A 32 -31.54 19.82 -15.44
CA ASP A 32 -32.10 20.29 -14.18
C ASP A 32 -31.05 20.78 -13.20
N HIS A 33 -29.76 20.51 -13.47
CA HIS A 33 -28.64 21.01 -12.68
C HIS A 33 -28.12 22.35 -13.24
N VAL A 34 -27.90 22.42 -14.58
CA VAL A 34 -27.37 23.64 -15.18
C VAL A 34 -28.37 24.78 -15.10
N ILE A 35 -29.69 24.49 -15.20
CA ILE A 35 -30.72 25.54 -15.15
C ILE A 35 -31.09 25.98 -13.71
N SER A 36 -30.61 25.25 -12.68
CA SER A 36 -30.93 25.58 -11.29
C SER A 36 -29.74 26.08 -10.47
N THR A 37 -28.51 26.03 -11.03
CA THR A 37 -27.29 26.44 -10.33
C THR A 37 -26.46 27.40 -11.21
N SER A 38 -25.41 28.01 -10.63
CA SER A 38 -24.42 28.80 -11.38
C SER A 38 -23.53 27.89 -12.27
N HIS A 39 -23.72 26.56 -12.21
CA HIS A 39 -22.94 25.59 -12.96
C HIS A 39 -23.46 25.51 -14.40
N LYS A 40 -22.67 26.02 -15.36
CA LYS A 40 -23.09 26.00 -16.77
C LYS A 40 -22.11 25.30 -17.70
N LEU A 41 -20.87 24.98 -17.24
CA LEU A 41 -19.93 24.28 -18.10
C LEU A 41 -20.26 22.77 -18.13
N VAL A 42 -20.60 22.25 -19.32
CA VAL A 42 -20.89 20.82 -19.50
C VAL A 42 -19.71 20.16 -20.27
N LEU A 43 -19.26 18.97 -19.83
CA LEU A 43 -18.16 18.22 -20.45
C LEU A 43 -18.68 16.91 -21.05
N SER A 44 -18.01 16.41 -22.09
CA SER A 44 -18.34 15.13 -22.74
C SER A 44 -16.99 14.64 -23.35
N VAL A 45 -16.95 14.20 -24.62
CA VAL A 45 -15.69 13.86 -25.31
C VAL A 45 -14.84 15.17 -25.43
N ASN A 46 -15.55 16.22 -25.84
CA ASN A 46 -15.11 17.60 -26.03
C ASN A 46 -16.04 18.48 -25.16
N PRO A 47 -15.54 19.63 -24.69
CA PRO A 47 -16.38 20.51 -23.88
C PRO A 47 -17.47 21.19 -24.70
N TYR A 48 -18.51 21.62 -24.00
CA TYR A 48 -19.57 22.34 -24.66
C TYR A 48 -19.21 23.79 -24.56
N VAL A 49 -18.43 24.23 -25.55
CA VAL A 49 -17.92 25.58 -25.70
C VAL A 49 -18.12 26.01 -27.18
N CYS A 50 -18.25 27.33 -27.43
CA CYS A 50 -18.38 27.81 -28.77
C CYS A 50 -17.12 27.58 -29.59
N ASN A 51 -17.31 26.86 -30.71
CA ASN A 51 -16.26 26.48 -31.64
C ASN A 51 -15.71 27.63 -32.48
N ALA A 52 -16.46 28.75 -32.58
CA ALA A 52 -16.02 29.91 -33.33
C ALA A 52 -14.71 30.45 -32.73
N PRO A 53 -13.71 30.73 -33.59
CA PRO A 53 -12.40 31.20 -33.09
C PRO A 53 -12.45 32.45 -32.19
N GLY A 54 -11.72 32.40 -31.07
CA GLY A 54 -11.63 33.53 -30.13
C GLY A 54 -12.92 33.84 -29.37
N CYS A 55 -13.87 32.91 -29.37
CA CYS A 55 -15.13 33.10 -28.70
C CYS A 55 -15.13 32.42 -27.34
N ASP A 56 -15.43 33.20 -26.28
CA ASP A 56 -15.43 32.72 -24.90
C ASP A 56 -16.80 32.30 -24.33
N VAL A 57 -17.77 31.87 -25.20
CA VAL A 57 -19.07 31.39 -24.70
C VAL A 57 -18.95 29.94 -24.28
N THR A 58 -19.10 29.66 -22.95
CA THR A 58 -18.99 28.33 -22.33
C THR A 58 -20.28 27.87 -21.62
N ASP A 59 -21.28 28.77 -21.48
CA ASP A 59 -22.56 28.49 -20.83
C ASP A 59 -23.38 27.63 -21.77
N VAL A 60 -23.77 26.41 -21.32
CA VAL A 60 -24.55 25.41 -22.09
C VAL A 60 -25.94 25.93 -22.54
N THR A 61 -26.51 26.88 -21.80
CA THR A 61 -27.82 27.47 -22.14
C THR A 61 -27.72 28.52 -23.27
N GLN A 62 -26.50 29.04 -23.52
CA GLN A 62 -26.19 29.99 -24.58
C GLN A 62 -25.54 29.27 -25.76
N LEU A 63 -25.74 27.94 -25.93
CA LEU A 63 -25.11 27.18 -27.01
C LEU A 63 -26.08 26.28 -27.80
N TYR A 64 -25.68 25.93 -29.03
CA TYR A 64 -26.46 25.16 -30.00
C TYR A 64 -25.58 24.14 -30.75
N LEU A 65 -26.22 23.13 -31.40
CA LEU A 65 -25.56 22.13 -32.26
C LEU A 65 -25.74 22.49 -33.77
N GLY A 66 -24.69 23.05 -34.35
CA GLY A 66 -24.68 23.41 -35.76
C GLY A 66 -24.08 22.28 -36.57
N GLY A 67 -24.94 21.35 -36.95
CA GLY A 67 -24.51 20.16 -37.67
C GLY A 67 -23.92 19.14 -36.72
N MET A 68 -22.60 19.20 -36.55
CA MET A 68 -21.91 18.29 -35.63
C MET A 68 -21.08 19.01 -34.55
N SER A 69 -20.93 20.34 -34.67
CA SER A 69 -20.16 21.19 -33.76
C SER A 69 -21.06 22.10 -32.86
N TYR A 70 -20.45 22.79 -31.88
CA TYR A 70 -21.22 23.62 -30.96
C TYR A 70 -20.87 25.09 -31.15
N TYR A 71 -21.89 25.96 -31.14
CA TYR A 71 -21.72 27.42 -31.32
C TYR A 71 -22.71 28.20 -30.47
N CYS A 72 -22.37 29.45 -30.12
CA CYS A 72 -23.27 30.31 -29.34
C CYS A 72 -24.41 30.92 -30.24
N LYS A 73 -25.19 31.89 -29.73
CA LYS A 73 -26.26 32.55 -30.49
C LYS A 73 -25.69 33.42 -31.63
N SER A 74 -24.48 34.03 -31.40
CA SER A 74 -23.77 34.90 -32.34
C SER A 74 -23.00 34.16 -33.45
N HIS A 75 -22.72 32.87 -33.30
CA HIS A 75 -21.94 32.14 -34.29
C HIS A 75 -22.61 30.91 -34.89
N LYS A 76 -23.79 30.54 -34.39
CA LYS A 76 -24.48 29.35 -34.88
C LYS A 76 -24.92 29.44 -36.35
N PRO A 77 -24.92 28.29 -37.08
CA PRO A 77 -25.44 28.30 -38.46
C PRO A 77 -26.99 28.31 -38.46
N PRO A 78 -27.67 28.47 -39.61
CA PRO A 78 -29.15 28.52 -39.59
C PRO A 78 -29.80 27.24 -39.06
N ILE A 79 -29.24 26.08 -39.43
CA ILE A 79 -29.79 24.81 -39.00
C ILE A 79 -29.03 24.32 -37.73
N SER A 80 -29.48 24.85 -36.57
CA SER A 80 -28.93 24.59 -35.25
C SER A 80 -30.02 24.50 -34.17
N PHE A 81 -29.92 23.42 -33.41
CA PHE A 81 -30.77 23.02 -32.30
C PHE A 81 -30.17 23.53 -31.00
N PRO A 82 -30.91 24.19 -30.06
CA PRO A 82 -30.28 24.53 -28.77
C PRO A 82 -29.90 23.30 -27.96
N LEU A 83 -28.79 23.39 -27.23
CA LEU A 83 -28.34 22.28 -26.40
C LEU A 83 -29.35 22.05 -25.26
N CYS A 84 -29.88 23.14 -24.69
CA CYS A 84 -30.84 23.02 -23.61
C CYS A 84 -32.27 23.11 -24.12
N ALA A 85 -32.91 21.96 -24.32
CA ALA A 85 -34.30 21.94 -24.78
C ALA A 85 -35.05 20.75 -24.25
N ASN A 86 -36.36 20.93 -23.97
CA ASN A 86 -37.24 19.86 -23.48
C ASN A 86 -36.75 19.15 -22.20
N GLY A 87 -36.08 19.89 -21.32
CA GLY A 87 -35.59 19.34 -20.06
C GLY A 87 -34.37 18.45 -20.19
N GLN A 88 -33.64 18.58 -21.30
CA GLN A 88 -32.46 17.78 -21.54
C GLN A 88 -31.29 18.59 -22.09
N VAL A 89 -30.06 18.10 -21.87
CA VAL A 89 -28.83 18.64 -22.41
C VAL A 89 -28.37 17.60 -23.43
N PHE A 90 -28.19 18.01 -24.71
CA PHE A 90 -27.83 17.08 -25.80
C PHE A 90 -26.65 16.19 -25.46
N GLY A 91 -26.89 14.90 -25.48
CA GLY A 91 -25.85 13.92 -25.18
C GLY A 91 -26.20 12.54 -25.69
N LEU A 92 -25.22 11.65 -25.64
CA LEU A 92 -25.42 10.28 -26.08
C LEU A 92 -26.26 9.52 -25.04
N TYR A 93 -26.98 8.49 -25.50
CA TYR A 93 -27.81 7.59 -24.71
C TYR A 93 -29.01 8.29 -24.03
N LYS A 94 -29.84 9.01 -24.81
CA LYS A 94 -31.01 9.67 -24.25
C LYS A 94 -32.16 8.67 -24.05
N VAL A 103 -33.59 16.61 -8.10
CA VAL A 103 -32.19 17.06 -8.17
C VAL A 103 -31.87 18.19 -7.18
N THR A 104 -32.86 18.67 -6.40
CA THR A 104 -32.74 19.74 -5.40
C THR A 104 -31.58 19.51 -4.39
N ASP A 105 -31.43 18.26 -3.95
CA ASP A 105 -30.39 17.84 -3.01
C ASP A 105 -29.00 17.74 -3.69
N PHE A 106 -28.96 17.30 -4.94
CA PHE A 106 -27.71 17.21 -5.69
C PHE A 106 -27.14 18.61 -5.91
N ASN A 107 -28.00 19.58 -6.23
CA ASN A 107 -27.60 20.97 -6.49
C ASN A 107 -26.94 21.59 -5.26
N ALA A 108 -27.54 21.37 -4.09
CA ALA A 108 -27.06 21.91 -2.84
C ALA A 108 -25.71 21.29 -2.42
N ILE A 109 -25.51 19.98 -2.67
CA ILE A 109 -24.24 19.31 -2.37
C ILE A 109 -23.14 19.80 -3.34
N ALA A 110 -23.51 19.98 -4.62
CA ALA A 110 -22.61 20.40 -5.69
C ALA A 110 -22.09 21.82 -5.52
N THR A 111 -22.90 22.73 -4.93
CA THR A 111 -22.55 24.15 -4.82
C THR A 111 -22.25 24.70 -3.39
N CYS A 112 -22.47 23.91 -2.35
CA CYS A 112 -22.22 24.38 -1.00
C CYS A 112 -20.71 24.51 -0.63
N ASP A 113 -20.38 25.40 0.32
CA ASP A 113 -19.00 25.57 0.75
C ASP A 113 -18.60 24.70 1.98
N TRP A 114 -19.56 23.89 2.52
CA TRP A 114 -19.40 22.98 3.66
C TRP A 114 -19.07 23.68 5.00
N THR A 115 -19.39 24.98 5.13
CA THR A 115 -19.15 25.72 6.37
C THR A 115 -20.39 25.69 7.30
N ASN A 116 -21.55 25.24 6.79
CA ASN A 116 -22.83 25.20 7.50
C ASN A 116 -23.18 23.76 7.90
N ALA A 117 -23.89 23.59 9.01
CA ALA A 117 -24.28 22.26 9.48
C ALA A 117 -25.29 21.59 8.55
N GLY A 118 -26.21 22.40 7.99
CA GLY A 118 -27.25 21.95 7.06
C GLY A 118 -26.70 21.28 5.82
N ASP A 119 -25.39 21.49 5.53
CA ASP A 119 -24.68 20.87 4.41
C ASP A 119 -24.39 19.40 4.75
N TYR A 120 -23.97 19.14 6.00
CA TYR A 120 -23.67 17.81 6.50
C TYR A 120 -24.96 17.01 6.77
N ILE A 121 -26.06 17.73 7.13
CA ILE A 121 -27.38 17.13 7.32
C ILE A 121 -27.83 16.54 6.01
N LEU A 122 -27.76 17.33 4.96
CA LEU A 122 -28.11 16.89 3.62
C LEU A 122 -27.23 15.74 3.15
N ALA A 123 -25.88 15.82 3.35
CA ALA A 123 -24.90 14.78 2.96
C ALA A 123 -25.18 13.39 3.57
N ASN A 124 -26.09 13.32 4.55
CA ASN A 124 -26.43 12.11 5.25
C ASN A 124 -27.91 11.69 5.10
N THR A 125 -28.77 12.63 4.69
CA THR A 125 -30.18 12.32 4.43
C THR A 125 -30.49 12.06 2.95
N CYS A 126 -29.50 12.27 2.07
CA CYS A 126 -29.69 12.06 0.65
C CYS A 126 -29.67 10.55 0.23
N THR A 127 -29.76 10.26 -1.06
CA THR A 127 -29.67 8.88 -1.55
C THR A 127 -28.23 8.39 -1.35
N GLU A 128 -28.04 7.07 -1.41
CA GLU A 128 -26.73 6.49 -1.22
C GLU A 128 -25.65 7.00 -2.22
N ARG A 129 -25.97 7.12 -3.53
CA ARG A 129 -24.97 7.67 -4.48
C ARG A 129 -24.67 9.14 -4.19
N LEU A 130 -25.65 9.88 -3.62
CA LEU A 130 -25.41 11.27 -3.23
C LEU A 130 -24.59 11.40 -1.96
N LYS A 131 -24.61 10.37 -1.10
CA LYS A 131 -23.79 10.34 0.08
C LYS A 131 -22.32 10.20 -0.36
N LEU A 132 -22.03 9.40 -1.42
CA LEU A 132 -20.65 9.24 -1.92
C LEU A 132 -20.18 10.48 -2.62
N PHE A 133 -21.07 11.11 -3.44
CA PHE A 133 -20.76 12.37 -4.14
C PHE A 133 -20.46 13.45 -3.10
N ALA A 134 -21.32 13.55 -2.07
CA ALA A 134 -21.14 14.46 -0.94
C ALA A 134 -19.82 14.20 -0.20
N ALA A 135 -19.50 12.93 0.05
CA ALA A 135 -18.28 12.57 0.78
C ALA A 135 -16.96 12.89 0.04
N GLU A 136 -16.86 12.67 -1.30
CA GLU A 136 -15.61 13.00 -2.01
C GLU A 136 -15.56 14.52 -2.31
N THR A 137 -16.75 15.18 -2.52
CA THR A 137 -16.85 16.62 -2.75
C THR A 137 -16.32 17.37 -1.51
N LEU A 138 -16.80 16.94 -0.30
CA LEU A 138 -16.43 17.50 0.99
C LEU A 138 -14.95 17.31 1.23
N LYS A 139 -14.46 16.09 1.00
CA LYS A 139 -13.04 15.80 1.25
C LYS A 139 -12.13 16.57 0.32
N ALA A 140 -12.56 16.76 -0.95
CA ALA A 140 -11.76 17.52 -1.91
C ALA A 140 -11.74 18.99 -1.51
N THR A 141 -12.89 19.52 -1.05
CA THR A 141 -12.98 20.89 -0.57
C THR A 141 -12.11 21.12 0.68
N GLU A 142 -12.07 20.12 1.59
CA GLU A 142 -11.24 20.20 2.78
C GLU A 142 -9.74 20.23 2.43
N GLU A 143 -9.31 19.48 1.38
CA GLU A 143 -7.90 19.42 0.96
C GLU A 143 -7.44 20.70 0.26
N THR A 144 -8.26 21.22 -0.66
CA THR A 144 -7.98 22.48 -1.36
C THR A 144 -7.94 23.69 -0.38
N PHE A 145 -8.66 23.56 0.75
CA PHE A 145 -8.65 24.57 1.77
C PHE A 145 -7.30 24.62 2.50
N LYS A 146 -6.61 23.47 2.61
CA LYS A 146 -5.28 23.41 3.25
C LYS A 146 -4.25 24.27 2.49
N LEU A 147 -4.42 24.39 1.16
CA LEU A 147 -3.55 25.19 0.29
C LEU A 147 -3.63 26.71 0.59
N SER A 148 -4.57 27.13 1.44
CA SER A 148 -4.85 28.51 1.81
C SER A 148 -4.01 29.09 2.98
N TYR A 149 -3.60 28.26 3.97
CA TYR A 149 -2.81 28.74 5.13
C TYR A 149 -1.35 29.17 4.77
N GLY A 150 -0.62 29.79 5.72
CA GLY A 150 0.75 30.24 5.50
C GLY A 150 1.84 29.30 5.97
N ILE A 151 3.02 29.37 5.33
CA ILE A 151 4.22 28.56 5.59
C ILE A 151 4.97 29.00 6.88
N ALA A 152 5.40 28.05 7.74
CA ALA A 152 6.15 28.39 8.97
C ALA A 152 7.65 28.10 8.81
N THR A 153 8.46 29.15 8.63
CA THR A 153 9.90 28.99 8.46
C THR A 153 10.62 29.22 9.82
N VAL A 154 11.47 28.25 10.25
CA VAL A 154 12.21 28.31 11.53
C VAL A 154 13.15 29.53 11.63
N ARG A 155 13.03 30.28 12.73
CA ARG A 155 13.81 31.48 12.98
C ARG A 155 14.96 31.21 13.99
N GLU A 156 14.75 30.26 14.94
CA GLU A 156 15.76 29.83 15.93
C GLU A 156 15.40 28.51 16.70
N VAL A 157 16.40 27.67 17.03
CA VAL A 157 16.23 26.41 17.75
C VAL A 157 16.77 26.53 19.18
N LEU A 158 15.90 26.43 20.19
CA LEU A 158 16.31 26.55 21.59
C LEU A 158 16.85 25.21 22.13
N SER A 159 16.06 24.14 21.96
CA SER A 159 16.41 22.83 22.49
C SER A 159 15.86 21.69 21.58
N ASP A 160 15.76 20.46 22.15
CA ASP A 160 15.25 19.22 21.54
C ASP A 160 13.70 19.16 21.49
N ARG A 161 13.02 19.98 22.31
CA ARG A 161 11.57 20.01 22.37
C ARG A 161 11.01 21.45 22.32
N GLU A 162 11.80 22.46 21.90
CA GLU A 162 11.31 23.85 21.80
C GLU A 162 11.94 24.65 20.64
N LEU A 163 11.15 25.52 19.95
CA LEU A 163 11.64 26.38 18.86
C LEU A 163 10.80 27.70 18.67
N HIS A 164 11.27 28.62 17.79
CA HIS A 164 10.59 29.89 17.46
C HIS A 164 10.37 29.99 15.94
N LEU A 165 9.13 30.27 15.50
CA LEU A 165 8.78 30.31 14.08
C LEU A 165 8.44 31.70 13.50
N SER A 166 8.63 31.84 12.17
CA SER A 166 8.38 33.01 11.36
C SER A 166 7.27 32.62 10.35
N TRP A 167 6.11 33.29 10.41
CA TRP A 167 4.97 32.93 9.57
C TRP A 167 4.82 33.75 8.30
N GLU A 168 4.28 33.13 7.24
CA GLU A 168 4.07 33.76 5.95
C GLU A 168 3.06 34.89 6.07
N VAL A 169 3.42 36.06 5.53
CA VAL A 169 2.59 37.26 5.56
C VAL A 169 1.48 37.20 4.49
N GLY A 170 0.27 37.63 4.83
CA GLY A 170 -0.85 37.63 3.89
C GLY A 170 -1.66 36.34 3.86
N LYS A 171 -1.19 35.28 4.54
CA LYS A 171 -1.90 34.00 4.61
C LYS A 171 -2.15 33.65 6.08
N PRO A 172 -3.39 33.27 6.43
CA PRO A 172 -3.70 32.99 7.85
C PRO A 172 -2.82 31.94 8.52
N ARG A 173 -2.82 32.00 9.86
CA ARG A 173 -2.05 31.12 10.73
C ARG A 173 -2.95 30.00 11.26
N PRO A 174 -2.68 28.74 10.86
CA PRO A 174 -3.54 27.62 11.29
C PRO A 174 -3.50 27.29 12.78
N PRO A 175 -4.58 26.67 13.33
CA PRO A 175 -4.57 26.32 14.77
C PRO A 175 -3.39 25.42 15.11
N LEU A 176 -2.59 25.77 16.13
CA LEU A 176 -1.38 25.03 16.51
C LEU A 176 -1.61 23.92 17.56
N ASN A 177 -2.58 23.04 17.31
CA ASN A 177 -2.84 21.90 18.16
C ASN A 177 -2.37 20.60 17.46
N ARG A 178 -2.32 19.48 18.18
CA ARG A 178 -1.92 18.20 17.59
C ARG A 178 -2.84 17.74 16.44
N ASN A 179 -4.06 18.34 16.33
CA ASN A 179 -5.03 18.05 15.27
C ASN A 179 -4.46 18.39 13.89
N TYR A 180 -3.62 19.43 13.81
CA TYR A 180 -3.01 19.90 12.57
C TYR A 180 -1.56 19.36 12.42
N VAL A 181 -1.34 18.38 11.50
CA VAL A 181 0.01 17.79 11.34
C VAL A 181 0.75 18.34 10.11
N PHE A 182 1.77 19.12 10.38
CA PHE A 182 2.60 19.70 9.33
C PHE A 182 3.58 18.71 8.79
N THR A 183 4.04 18.94 7.58
CA THR A 183 5.06 18.13 6.97
C THR A 183 6.27 19.03 6.85
N GLY A 184 7.35 18.59 7.47
CA GLY A 184 8.60 19.33 7.47
C GLY A 184 9.38 19.07 6.21
N TYR A 185 10.16 20.07 5.76
CA TYR A 185 10.94 19.97 4.55
C TYR A 185 12.34 20.57 4.74
N GLN A 194 12.08 16.86 2.92
CA GLN A 194 11.06 15.92 3.39
C GLN A 194 11.55 15.30 4.70
N ILE A 195 11.55 16.09 5.79
CA ILE A 195 12.08 15.65 7.08
C ILE A 195 11.00 15.13 8.08
N GLY A 196 9.98 14.45 7.57
CA GLY A 196 8.94 13.83 8.38
C GLY A 196 7.86 14.75 8.94
N GLU A 197 6.76 14.15 9.38
CA GLU A 197 5.64 14.89 9.96
C GLU A 197 6.04 15.52 11.31
N TYR A 198 5.53 16.71 11.61
CA TYR A 198 5.86 17.42 12.85
C TYR A 198 4.58 18.03 13.45
N THR A 199 4.38 17.87 14.77
CA THR A 199 3.22 18.41 15.49
C THR A 199 3.65 19.57 16.44
N PHE A 200 2.74 20.52 16.79
CA PHE A 200 3.07 21.68 17.66
C PHE A 200 2.10 21.99 18.82
N GLU A 201 2.62 22.61 19.91
CA GLU A 201 1.86 23.06 21.11
C GLU A 201 2.50 24.35 21.66
N LYS A 202 1.69 25.31 22.16
CA LYS A 202 2.21 26.57 22.71
C LYS A 202 3.23 26.36 23.85
N ASP A 207 7.27 34.08 23.30
CA ASP A 207 6.76 33.42 22.09
C ASP A 207 7.40 32.01 21.94
N ALA A 208 7.63 31.29 23.06
CA ALA A 208 8.25 29.96 23.07
C ALA A 208 7.30 28.78 22.76
N VAL A 209 7.41 28.22 21.54
CA VAL A 209 6.56 27.10 21.12
C VAL A 209 7.29 25.74 21.28
N VAL A 210 6.52 24.66 21.38
CA VAL A 210 7.01 23.30 21.57
C VAL A 210 6.87 22.51 20.21
N TYR A 211 7.98 21.91 19.67
CA TYR A 211 7.98 21.16 18.41
C TYR A 211 8.11 19.62 18.59
N ARG A 212 7.32 18.83 17.83
CA ARG A 212 7.32 17.37 17.97
C ARG A 212 7.44 16.60 16.65
N GLY A 213 8.66 16.23 16.31
CA GLY A 213 8.91 15.48 15.09
C GLY A 213 8.64 14.01 15.18
N THR A 214 7.87 13.49 14.22
CA THR A 214 7.64 12.04 14.13
C THR A 214 8.97 11.31 13.86
N THR A 215 9.89 11.96 13.10
CA THR A 215 11.24 11.45 12.82
C THR A 215 12.22 12.36 13.60
N THR A 216 13.11 11.77 14.41
CA THR A 216 14.06 12.58 15.19
C THR A 216 15.11 13.22 14.31
N TYR A 217 15.14 14.54 14.33
CA TYR A 217 16.06 15.30 13.51
C TYR A 217 16.38 16.61 14.19
N LYS A 218 17.67 16.98 14.16
CA LYS A 218 18.18 18.23 14.72
C LYS A 218 17.68 19.41 13.88
N LEU A 219 16.44 19.90 14.20
CA LEU A 219 15.72 20.99 13.53
C LEU A 219 16.61 22.09 12.97
N ASN A 220 16.60 22.26 11.63
CA ASN A 220 17.42 23.26 10.96
C ASN A 220 16.72 24.61 10.93
N VAL A 221 17.47 25.69 11.19
CA VAL A 221 16.95 27.05 11.13
C VAL A 221 16.84 27.41 9.66
N GLY A 222 15.67 27.88 9.24
CA GLY A 222 15.42 28.19 7.85
C GLY A 222 14.59 27.11 7.17
N ASP A 223 14.67 25.86 7.66
CA ASP A 223 13.87 24.78 7.09
C ASP A 223 12.37 25.07 7.35
N TYR A 224 11.51 24.74 6.38
CA TYR A 224 10.09 25.09 6.47
C TYR A 224 9.12 23.91 6.63
N PHE A 225 7.92 24.19 7.18
CA PHE A 225 6.83 23.23 7.36
C PHE A 225 5.61 23.65 6.51
N VAL A 226 4.80 22.67 6.05
CA VAL A 226 3.60 22.90 5.24
C VAL A 226 2.51 21.81 5.52
N LEU A 227 1.21 22.16 5.39
CA LEU A 227 0.14 21.17 5.60
C LEU A 227 -0.03 20.25 4.41
N THR A 228 0.24 18.95 4.59
CA THR A 228 0.10 17.97 3.51
C THR A 228 -1.33 17.89 3.00
N SER A 229 -1.49 18.03 1.69
CA SER A 229 -2.79 18.00 1.06
C SER A 229 -2.90 16.71 0.24
N HIS A 230 -3.30 15.59 0.88
CA HIS A 230 -3.43 14.32 0.15
C HIS A 230 -4.55 14.36 -0.87
N THR A 231 -4.39 13.57 -1.94
CA THR A 231 -5.34 13.50 -3.04
C THR A 231 -6.58 12.71 -2.60
N VAL A 232 -7.78 13.17 -3.03
CA VAL A 232 -9.05 12.50 -2.71
C VAL A 232 -9.38 11.56 -3.80
N MET A 233 -9.44 10.27 -3.48
CA MET A 233 -9.77 9.25 -4.46
C MET A 233 -11.28 9.13 -4.60
N PRO A 234 -11.77 8.77 -5.79
CA PRO A 234 -13.21 8.57 -5.94
C PRO A 234 -13.72 7.40 -5.11
N LEU A 235 -14.98 7.48 -4.71
CA LEU A 235 -15.63 6.46 -3.90
C LEU A 235 -16.45 5.59 -4.81
N SER A 236 -16.38 4.27 -4.61
CA SER A 236 -17.12 3.30 -5.41
C SER A 236 -18.16 2.55 -4.59
N ALA A 237 -17.74 2.00 -3.43
CA ALA A 237 -18.60 1.24 -2.54
C ALA A 237 -19.54 2.09 -1.68
N PRO A 238 -20.77 1.60 -1.39
CA PRO A 238 -21.67 2.37 -0.49
C PRO A 238 -21.12 2.52 0.94
N THR A 239 -21.67 3.47 1.72
CA THR A 239 -21.27 3.67 3.13
C THR A 239 -21.66 2.40 3.93
N LEU A 240 -22.85 1.87 3.63
CA LEU A 240 -23.44 0.64 4.16
C LEU A 240 -23.84 -0.25 2.98
N VAL A 241 -23.39 -1.51 2.96
CA VAL A 241 -23.84 -2.45 1.93
C VAL A 241 -25.37 -2.70 2.13
N PRO A 242 -26.14 -3.23 1.15
CA PRO A 242 -27.58 -3.44 1.40
C PRO A 242 -27.75 -4.49 2.52
N GLN A 243 -28.68 -4.25 3.45
CA GLN A 243 -28.89 -5.18 4.55
C GLN A 243 -29.44 -6.52 4.11
N GLU A 244 -28.95 -7.61 4.71
CA GLU A 244 -29.45 -8.94 4.47
C GLU A 244 -29.79 -9.59 5.79
N HIS A 245 -30.95 -10.21 5.88
CA HIS A 245 -31.33 -10.93 7.09
C HIS A 245 -31.38 -12.40 6.75
N TYR A 246 -30.76 -13.22 7.58
CA TYR A 246 -30.71 -14.66 7.35
C TYR A 246 -31.55 -15.40 8.39
N VAL A 247 -31.89 -16.66 8.09
CA VAL A 247 -32.68 -17.53 8.96
C VAL A 247 -31.84 -18.39 9.92
N ARG A 248 -30.54 -18.43 9.69
CA ARG A 248 -29.58 -19.15 10.48
C ARG A 248 -28.23 -18.42 10.30
N ILE A 249 -27.27 -18.69 11.20
CA ILE A 249 -25.93 -18.09 11.15
C ILE A 249 -25.27 -18.53 9.84
N THR A 250 -24.81 -17.57 9.03
CA THR A 250 -24.29 -17.81 7.69
C THR A 250 -22.75 -17.69 7.55
N GLY A 251 -22.09 -18.77 7.15
CA GLY A 251 -20.64 -18.80 6.93
C GLY A 251 -19.76 -18.74 8.16
N LEU A 252 -20.38 -18.82 9.32
CA LEU A 252 -19.68 -18.75 10.59
C LEU A 252 -20.02 -19.99 11.38
N TYR A 253 -19.03 -20.51 12.13
CA TYR A 253 -19.23 -21.74 12.89
C TYR A 253 -18.99 -21.52 14.40
N PRO A 254 -20.12 -21.46 15.17
CA PRO A 254 -20.02 -21.14 16.61
C PRO A 254 -19.44 -22.22 17.52
N THR A 255 -18.91 -21.84 18.72
CA THR A 255 -18.47 -22.84 19.70
C THR A 255 -19.60 -23.13 20.64
N LEU A 256 -19.72 -24.38 21.04
CA LEU A 256 -20.67 -24.79 22.06
C LEU A 256 -20.02 -24.51 23.43
N ASN A 257 -18.70 -24.71 23.52
CA ASN A 257 -17.90 -24.42 24.68
C ASN A 257 -17.40 -22.99 24.49
N ILE A 258 -18.15 -22.01 25.00
CA ILE A 258 -17.83 -20.57 24.98
C ILE A 258 -17.69 -20.15 26.45
N SER A 259 -16.52 -19.57 26.88
CA SER A 259 -16.28 -19.26 28.31
C SER A 259 -17.36 -18.38 28.94
N ASP A 260 -17.65 -18.59 30.23
CA ASP A 260 -18.67 -17.82 30.92
C ASP A 260 -18.41 -16.29 30.91
N GLU A 261 -17.14 -15.90 30.68
CA GLU A 261 -16.69 -14.52 30.55
C GLU A 261 -17.50 -13.79 29.47
N PHE A 262 -17.75 -14.47 28.33
CA PHE A 262 -18.42 -13.97 27.11
C PHE A 262 -19.85 -14.42 26.91
N SER A 263 -20.42 -15.14 27.90
CA SER A 263 -21.79 -15.66 27.87
C SER A 263 -22.86 -14.59 27.74
N SER A 264 -22.60 -13.38 28.24
CA SER A 264 -23.56 -12.27 28.13
C SER A 264 -23.77 -11.82 26.68
N ASN A 265 -22.78 -12.08 25.79
CA ASN A 265 -22.90 -11.63 24.42
C ASN A 265 -23.26 -12.74 23.44
N VAL A 266 -23.53 -13.98 23.89
CA VAL A 266 -23.86 -15.08 22.98
C VAL A 266 -25.06 -14.77 22.09
N ALA A 267 -26.16 -14.24 22.66
CA ALA A 267 -27.35 -13.93 21.86
C ALA A 267 -27.06 -12.82 20.82
N ASN A 268 -26.18 -11.87 21.17
CA ASN A 268 -25.78 -10.78 20.28
C ASN A 268 -24.82 -11.28 19.17
N TYR A 269 -23.91 -12.23 19.50
CA TYR A 269 -23.00 -12.84 18.53
C TYR A 269 -23.77 -13.63 17.49
N GLN A 270 -24.93 -14.18 17.86
CA GLN A 270 -25.78 -14.93 16.96
C GLN A 270 -26.51 -13.99 16.04
N LYS A 271 -26.99 -12.84 16.54
CA LYS A 271 -27.60 -11.77 15.74
C LYS A 271 -26.58 -11.33 14.66
N VAL A 272 -25.29 -11.20 15.05
CA VAL A 272 -24.16 -10.87 14.18
C VAL A 272 -24.04 -11.86 12.98
N GLY A 273 -24.27 -13.16 13.21
CA GLY A 273 -24.22 -14.21 12.18
C GLY A 273 -25.49 -14.35 11.35
N MET A 274 -26.58 -13.72 11.77
CA MET A 274 -27.86 -13.80 11.06
C MET A 274 -28.28 -12.53 10.33
N GLN A 275 -27.32 -11.62 10.10
CA GLN A 275 -27.51 -10.33 9.40
C GLN A 275 -26.21 -10.03 8.57
N LYS A 276 -26.30 -9.26 7.47
CA LYS A 276 -25.11 -8.87 6.71
C LYS A 276 -24.28 -7.89 7.58
N TYR A 277 -24.94 -6.90 8.17
CA TYR A 277 -24.28 -5.95 9.06
C TYR A 277 -25.13 -5.75 10.33
N SER A 278 -24.48 -5.38 11.41
CA SER A 278 -25.15 -5.13 12.68
C SER A 278 -24.51 -3.93 13.40
N THR A 279 -25.35 -3.16 14.12
CA THR A 279 -24.85 -2.00 14.88
C THR A 279 -24.86 -2.28 16.41
N LEU A 280 -23.77 -1.92 17.07
CA LEU A 280 -23.69 -2.05 18.51
C LEU A 280 -23.45 -0.66 19.18
N GLN A 281 -24.42 -0.20 20.01
CA GLN A 281 -24.22 1.02 20.77
C GLN A 281 -23.71 0.64 22.15
N GLY A 282 -22.51 1.10 22.43
CA GLY A 282 -21.87 0.84 23.69
C GLY A 282 -21.44 2.10 24.38
N PRO A 283 -22.23 2.56 25.37
CA PRO A 283 -21.81 3.68 26.21
C PRO A 283 -20.44 3.42 26.88
N PRO A 284 -19.79 4.43 27.47
CA PRO A 284 -18.48 4.20 28.09
C PRO A 284 -18.44 3.04 29.10
N GLY A 285 -17.44 2.16 28.97
CA GLY A 285 -17.21 1.08 29.91
C GLY A 285 -18.24 -0.03 29.99
N THR A 286 -19.07 -0.15 28.95
CA THR A 286 -20.10 -1.19 28.87
C THR A 286 -19.62 -2.52 28.26
N GLY A 287 -18.37 -2.56 27.79
CA GLY A 287 -17.77 -3.76 27.23
C GLY A 287 -17.73 -3.87 25.72
N LYS A 288 -17.38 -2.79 25.00
CA LYS A 288 -17.30 -2.84 23.56
C LYS A 288 -16.09 -3.67 23.10
N SER A 289 -14.89 -3.41 23.66
CA SER A 289 -13.69 -4.13 23.27
C SER A 289 -13.82 -5.63 23.59
N HIS A 290 -14.48 -5.93 24.71
CA HIS A 290 -14.76 -7.27 25.19
C HIS A 290 -15.68 -7.99 24.20
N PHE A 291 -16.72 -7.30 23.74
CA PHE A 291 -17.66 -7.83 22.76
C PHE A 291 -16.91 -8.13 21.46
N ALA A 292 -16.12 -7.17 20.99
CA ALA A 292 -15.36 -7.33 19.76
C ALA A 292 -14.40 -8.53 19.82
N ILE A 293 -13.55 -8.66 20.89
CA ILE A 293 -12.60 -9.79 21.01
C ILE A 293 -13.33 -11.11 21.24
N GLY A 294 -14.44 -11.08 21.97
CA GLY A 294 -15.27 -12.25 22.24
C GLY A 294 -16.03 -12.82 21.05
N LEU A 295 -16.19 -12.00 20.04
CA LEU A 295 -16.83 -12.42 18.81
C LEU A 295 -15.91 -13.46 18.10
N ALA A 296 -14.55 -13.36 18.29
CA ALA A 296 -13.54 -14.27 17.74
C ALA A 296 -13.53 -15.59 18.49
N LEU A 297 -13.72 -15.54 19.81
CA LEU A 297 -13.81 -16.75 20.62
C LEU A 297 -15.14 -17.49 20.32
N TYR A 298 -16.20 -16.78 19.92
CA TYR A 298 -17.46 -17.40 19.58
C TYR A 298 -17.46 -18.01 18.19
N TYR A 299 -16.78 -17.40 17.20
CA TYR A 299 -16.62 -17.99 15.86
C TYR A 299 -15.14 -18.21 15.71
N PRO A 300 -14.62 -19.31 16.30
CA PRO A 300 -13.17 -19.49 16.42
C PRO A 300 -12.38 -19.75 15.16
N SER A 301 -13.06 -20.18 14.09
CA SER A 301 -12.48 -20.48 12.78
C SER A 301 -12.47 -19.24 11.84
N ALA A 302 -13.39 -18.30 12.09
CA ALA A 302 -13.57 -17.07 11.33
C ALA A 302 -12.36 -16.14 11.31
N ARG A 303 -12.02 -15.64 10.12
CA ARG A 303 -10.94 -14.67 9.96
C ARG A 303 -11.58 -13.28 10.20
N ILE A 304 -11.06 -12.53 11.19
CA ILE A 304 -11.65 -11.23 11.53
C ILE A 304 -10.69 -10.10 11.33
N VAL A 305 -11.13 -9.13 10.53
CA VAL A 305 -10.36 -7.93 10.33
C VAL A 305 -10.95 -6.86 11.26
N TYR A 306 -10.12 -6.33 12.14
CA TYR A 306 -10.45 -5.32 13.13
C TYR A 306 -9.93 -3.99 12.63
N THR A 307 -10.84 -3.02 12.48
CA THR A 307 -10.49 -1.71 11.94
C THR A 307 -11.11 -0.55 12.73
N ALA A 308 -10.47 0.63 12.65
CA ALA A 308 -10.87 1.90 13.24
C ALA A 308 -10.14 3.06 12.52
N CYS A 309 -10.60 4.31 12.67
CA CYS A 309 -9.94 5.43 11.99
C CYS A 309 -8.59 5.75 12.62
N SER A 310 -8.53 5.78 13.97
CA SER A 310 -7.30 6.12 14.67
C SER A 310 -6.41 4.92 15.01
N HIS A 311 -5.12 5.20 15.20
CA HIS A 311 -4.16 4.18 15.62
C HIS A 311 -4.45 3.76 17.05
N ALA A 312 -4.83 4.73 17.93
CA ALA A 312 -5.16 4.46 19.33
C ALA A 312 -6.32 3.45 19.45
N ALA A 313 -7.39 3.61 18.62
CA ALA A 313 -8.54 2.71 18.64
C ALA A 313 -8.19 1.31 18.21
N VAL A 314 -7.33 1.20 17.18
CA VAL A 314 -6.86 -0.09 16.68
C VAL A 314 -5.98 -0.79 17.74
N ASP A 315 -5.13 0.00 18.44
CA ASP A 315 -4.24 -0.41 19.54
C ASP A 315 -5.03 -0.90 20.78
N ALA A 316 -6.15 -0.24 21.07
CA ALA A 316 -7.03 -0.64 22.15
C ALA A 316 -7.64 -2.03 21.83
N LEU A 317 -7.92 -2.32 20.53
CA LEU A 317 -8.41 -3.66 20.14
C LEU A 317 -7.27 -4.72 20.22
N CYS A 318 -6.03 -4.32 19.87
CA CYS A 318 -4.84 -5.18 19.96
C CYS A 318 -4.60 -5.58 21.43
N GLU A 319 -4.71 -4.60 22.38
CA GLU A 319 -4.51 -4.86 23.79
C GLU A 319 -5.48 -5.93 24.30
N LYS A 320 -6.78 -5.78 23.98
CA LYS A 320 -7.78 -6.77 24.37
C LYS A 320 -7.57 -8.12 23.64
N ALA A 321 -7.03 -8.12 22.42
CA ALA A 321 -6.80 -9.36 21.68
C ALA A 321 -5.62 -10.13 22.26
N LEU A 322 -4.57 -9.41 22.65
CA LEU A 322 -3.36 -9.95 23.25
C LEU A 322 -3.67 -10.79 24.53
N LYS A 323 -4.79 -10.46 25.22
CA LYS A 323 -5.25 -11.14 26.43
C LYS A 323 -6.08 -12.44 26.16
N TYR A 324 -6.84 -12.52 25.03
CA TYR A 324 -7.71 -13.68 24.79
C TYR A 324 -7.43 -14.52 23.54
N LEU A 325 -6.80 -13.91 22.54
CA LEU A 325 -6.55 -14.55 21.25
C LEU A 325 -5.09 -14.96 21.06
N PRO A 326 -4.85 -16.11 20.39
CA PRO A 326 -3.46 -16.57 20.16
C PRO A 326 -2.60 -15.54 19.44
N ILE A 327 -1.51 -15.06 20.09
CA ILE A 327 -0.62 -14.02 19.55
C ILE A 327 -0.04 -14.36 18.17
N ASP A 328 0.06 -15.65 17.82
CA ASP A 328 0.59 -16.04 16.51
C ASP A 328 -0.37 -15.74 15.35
N LYS A 329 -1.70 -15.92 15.53
CA LYS A 329 -2.64 -15.61 14.46
C LYS A 329 -3.01 -14.11 14.38
N CYS A 330 -2.29 -13.23 15.12
CA CYS A 330 -2.53 -11.79 15.07
C CYS A 330 -1.47 -11.03 14.28
N SER A 331 -1.90 -9.94 13.66
CA SER A 331 -0.98 -9.07 12.94
C SER A 331 -1.46 -7.63 12.97
N ARG A 332 -0.56 -6.70 13.35
CA ARG A 332 -0.86 -5.28 13.36
C ARG A 332 -0.29 -4.64 12.07
N ILE A 333 -1.17 -4.21 11.12
CA ILE A 333 -0.77 -3.62 9.84
C ILE A 333 -0.40 -2.16 10.02
N ILE A 334 0.86 -1.81 9.74
CA ILE A 334 1.37 -0.45 9.89
C ILE A 334 1.75 0.05 8.50
N PRO A 335 1.24 1.23 8.09
CA PRO A 335 1.60 1.74 6.74
C PRO A 335 3.08 2.03 6.63
N ALA A 336 3.66 1.82 5.43
CA ALA A 336 5.09 2.03 5.16
C ALA A 336 5.55 3.42 5.65
N ARG A 337 4.73 4.48 5.41
CA ARG A 337 4.99 5.82 5.92
C ARG A 337 4.49 5.90 7.36
N ALA A 338 5.21 5.25 8.29
CA ALA A 338 4.90 5.18 9.70
C ALA A 338 5.03 6.56 10.33
N ARG A 339 3.90 7.14 10.71
CA ARG A 339 3.80 8.49 11.27
C ARG A 339 4.11 8.49 12.80
N VAL A 340 3.19 7.98 13.65
CA VAL A 340 3.45 7.93 15.08
C VAL A 340 3.46 6.46 15.62
N GLU A 341 4.01 6.27 16.84
CA GLU A 341 4.17 5.00 17.57
C GLU A 341 2.85 4.25 17.78
N CYS A 342 2.81 2.95 17.45
CA CYS A 342 1.63 2.13 17.71
C CYS A 342 1.98 0.73 18.31
N PHE A 343 1.01 -0.20 18.35
CA PHE A 343 1.15 -1.53 18.96
C PHE A 343 2.29 -2.37 18.37
N ASP A 344 3.22 -2.82 19.26
CA ASP A 344 4.45 -3.58 18.96
C ASP A 344 4.47 -5.10 19.26
N LYS A 345 3.38 -5.71 19.80
CA LYS A 345 3.43 -7.13 20.19
C LYS A 345 2.80 -8.15 19.20
N PHE A 346 2.44 -7.76 17.96
CA PHE A 346 1.98 -8.74 16.95
C PHE A 346 3.00 -8.77 15.80
N LYS A 347 2.97 -9.84 14.93
CA LYS A 347 3.85 -9.85 13.75
C LYS A 347 3.37 -8.72 12.82
N VAL A 348 4.26 -7.79 12.44
CA VAL A 348 3.89 -6.62 11.64
C VAL A 348 3.75 -6.89 10.12
N ASN A 349 2.62 -6.40 9.55
CA ASN A 349 2.27 -6.42 8.12
C ASN A 349 2.04 -7.80 7.51
N SER A 350 1.68 -8.80 8.34
CA SER A 350 1.36 -10.12 7.82
C SER A 350 -0.15 -10.13 7.54
N THR A 351 -0.53 -9.64 6.36
CA THR A 351 -1.91 -9.51 5.87
C THR A 351 -2.79 -10.77 5.99
N LEU A 352 -2.18 -11.96 5.94
CA LEU A 352 -2.94 -13.21 5.94
C LEU A 352 -3.12 -13.92 7.29
N GLU A 353 -2.67 -13.32 8.42
CA GLU A 353 -2.91 -13.94 9.74
C GLU A 353 -4.42 -13.85 10.02
N GLN A 354 -4.98 -14.83 10.72
CA GLN A 354 -6.41 -14.89 11.03
C GLN A 354 -7.03 -13.57 11.59
N TYR A 355 -6.28 -12.87 12.44
CA TYR A 355 -6.71 -11.63 13.06
C TYR A 355 -5.84 -10.50 12.60
N VAL A 356 -6.43 -9.54 11.89
CA VAL A 356 -5.71 -8.39 11.34
C VAL A 356 -6.22 -7.10 11.95
N PHE A 357 -5.33 -6.34 12.57
CA PHE A 357 -5.70 -5.08 13.22
C PHE A 357 -5.05 -3.99 12.38
N CYS A 358 -5.85 -3.05 11.84
CA CYS A 358 -5.34 -2.03 10.92
C CYS A 358 -6.23 -0.79 10.88
N THR A 359 -5.64 0.41 10.66
CA THR A 359 -6.45 1.63 10.51
C THR A 359 -7.16 1.65 9.13
N VAL A 360 -8.26 2.39 8.97
CA VAL A 360 -9.00 2.45 7.72
C VAL A 360 -8.12 2.88 6.52
N ASN A 361 -7.31 3.97 6.65
CA ASN A 361 -6.47 4.44 5.53
C ASN A 361 -5.35 3.47 5.14
N ALA A 362 -4.98 2.52 6.03
CA ALA A 362 -3.90 1.56 5.74
C ALA A 362 -4.41 0.17 5.29
N LEU A 363 -5.74 -0.03 5.22
CA LEU A 363 -6.34 -1.31 4.87
C LEU A 363 -5.92 -1.85 3.53
N PRO A 364 -5.44 -3.09 3.51
CA PRO A 364 -5.13 -3.73 2.22
C PRO A 364 -6.41 -4.26 1.55
N GLU A 365 -6.29 -4.65 0.28
CA GLU A 365 -7.42 -5.22 -0.44
C GLU A 365 -7.46 -6.68 -0.10
N THR A 366 -8.50 -7.07 0.66
CA THR A 366 -8.67 -8.43 1.17
C THR A 366 -10.15 -8.76 1.48
N THR A 367 -10.41 -10.01 1.85
CA THR A 367 -11.69 -10.50 2.27
C THR A 367 -11.62 -11.01 3.72
N ALA A 368 -12.80 -11.17 4.35
CA ALA A 368 -12.91 -11.62 5.74
C ALA A 368 -14.27 -12.29 6.01
N ASP A 369 -14.35 -13.13 7.05
CA ASP A 369 -15.63 -13.73 7.45
C ASP A 369 -16.42 -12.66 8.26
N ILE A 370 -15.69 -11.84 9.08
CA ILE A 370 -16.24 -10.72 9.83
C ILE A 370 -15.28 -9.54 9.76
N VAL A 371 -15.85 -8.37 9.60
CA VAL A 371 -15.11 -7.13 9.71
C VAL A 371 -15.71 -6.42 10.93
N VAL A 372 -14.86 -5.99 11.88
CA VAL A 372 -15.33 -5.25 13.05
C VAL A 372 -14.79 -3.83 12.88
N PHE A 373 -15.67 -2.82 12.78
CA PHE A 373 -15.29 -1.41 12.67
C PHE A 373 -15.66 -0.77 14.03
N ASP A 374 -14.66 -0.34 14.80
CA ASP A 374 -14.84 0.23 16.13
C ASP A 374 -14.79 1.77 16.10
N GLU A 375 -15.25 2.41 17.19
CA GLU A 375 -15.29 3.87 17.36
C GLU A 375 -16.04 4.51 16.18
N ILE A 376 -17.26 3.98 15.89
CA ILE A 376 -18.05 4.38 14.75
C ILE A 376 -18.50 5.85 14.77
N SER A 377 -18.61 6.51 15.94
CA SER A 377 -18.95 7.95 15.94
C SER A 377 -17.86 8.82 15.26
N MET A 378 -16.58 8.36 15.32
CA MET A 378 -15.42 9.02 14.72
C MET A 378 -15.27 8.84 13.21
N ALA A 379 -16.03 7.92 12.60
CA ALA A 379 -15.92 7.69 11.17
C ALA A 379 -16.73 8.71 10.37
N THR A 380 -16.28 9.01 9.15
CA THR A 380 -16.99 9.83 8.16
C THR A 380 -17.60 8.86 7.13
N ASN A 381 -18.49 9.37 6.26
CA ASN A 381 -19.03 8.50 5.20
C ASN A 381 -17.94 8.10 4.18
N TYR A 382 -16.85 8.92 4.07
CA TYR A 382 -15.70 8.64 3.24
C TYR A 382 -15.02 7.35 3.79
N ASP A 383 -14.78 7.27 5.12
CA ASP A 383 -14.21 6.10 5.80
C ASP A 383 -15.14 4.86 5.67
N LEU A 384 -16.47 5.05 5.85
CA LEU A 384 -17.47 4.00 5.70
C LEU A 384 -17.39 3.36 4.30
N SER A 385 -17.30 4.18 3.27
CA SER A 385 -17.22 3.76 1.88
C SER A 385 -15.90 3.03 1.58
N VAL A 386 -14.76 3.57 2.08
CA VAL A 386 -13.41 3.01 1.90
C VAL A 386 -13.33 1.61 2.47
N VAL A 387 -13.89 1.38 3.65
CA VAL A 387 -13.92 0.07 4.27
C VAL A 387 -14.68 -0.93 3.38
N ASN A 388 -15.81 -0.52 2.78
CA ASN A 388 -16.58 -1.42 1.93
C ASN A 388 -15.87 -1.71 0.57
N ALA A 389 -14.99 -0.81 0.14
CA ALA A 389 -14.26 -0.97 -1.11
C ALA A 389 -12.97 -1.82 -0.93
N ARG A 390 -12.32 -1.76 0.25
CA ARG A 390 -11.09 -2.54 0.50
C ARG A 390 -11.35 -3.93 1.11
N LEU A 391 -12.48 -4.08 1.81
CA LEU A 391 -12.83 -5.33 2.46
C LEU A 391 -14.16 -5.93 1.98
N ARG A 392 -14.11 -7.18 1.51
CA ARG A 392 -15.32 -7.91 1.10
C ARG A 392 -15.57 -8.96 2.18
N ALA A 393 -16.65 -8.80 2.98
CA ALA A 393 -16.93 -9.69 4.11
C ALA A 393 -18.32 -10.39 4.14
N LYS A 394 -18.41 -11.53 4.85
CA LYS A 394 -19.69 -12.20 5.04
C LYS A 394 -20.56 -11.35 6.01
N HIS A 395 -19.91 -10.76 7.06
CA HIS A 395 -20.56 -9.94 8.10
C HIS A 395 -19.75 -8.73 8.47
N TYR A 396 -20.44 -7.62 8.74
CA TYR A 396 -19.81 -6.36 9.15
C TYR A 396 -20.41 -5.92 10.50
N VAL A 397 -19.56 -5.57 11.48
CA VAL A 397 -20.04 -5.12 12.78
C VAL A 397 -19.55 -3.73 13.08
N TYR A 398 -20.47 -2.80 13.34
CA TYR A 398 -20.13 -1.41 13.61
C TYR A 398 -20.35 -1.15 15.05
N ILE A 399 -19.27 -0.93 15.77
CA ILE A 399 -19.30 -0.67 17.21
C ILE A 399 -18.92 0.79 17.52
N GLY A 400 -19.69 1.40 18.39
CA GLY A 400 -19.45 2.78 18.80
C GLY A 400 -20.57 3.31 19.65
N ASP A 401 -20.68 4.64 19.71
CA ASP A 401 -21.70 5.28 20.52
C ASP A 401 -21.94 6.67 19.95
N PRO A 402 -23.16 6.95 19.40
CA PRO A 402 -23.42 8.29 18.87
C PRO A 402 -23.53 9.38 19.94
N ALA A 403 -23.49 9.01 21.23
CA ALA A 403 -23.43 9.98 22.33
C ALA A 403 -21.96 10.37 22.67
N GLN A 404 -21.00 9.89 21.87
CA GLN A 404 -19.61 10.23 22.01
C GLN A 404 -19.18 11.14 20.85
N LEU A 405 -17.91 11.54 20.85
CA LEU A 405 -17.42 12.51 19.89
C LEU A 405 -17.27 12.02 18.42
N PRO A 406 -17.62 12.94 17.46
CA PRO A 406 -17.47 12.63 16.04
C PRO A 406 -16.11 13.11 15.50
N ALA A 407 -15.84 12.83 14.20
CA ALA A 407 -14.65 13.30 13.53
C ALA A 407 -14.71 14.81 13.43
N PRO A 408 -13.58 15.51 13.62
CA PRO A 408 -13.60 16.97 13.49
C PRO A 408 -13.90 17.39 12.07
N ARG A 409 -14.85 18.32 11.91
CA ARG A 409 -15.20 18.83 10.58
C ARG A 409 -14.57 20.20 10.44
N THR A 410 -13.32 20.24 9.95
CA THR A 410 -12.50 21.45 9.83
C THR A 410 -13.18 22.61 9.09
N LEU A 411 -14.01 22.35 8.07
CA LEU A 411 -14.68 23.45 7.35
C LEU A 411 -15.92 23.95 8.07
N LEU A 412 -16.54 23.14 8.92
CA LEU A 412 -17.78 23.51 9.61
C LEU A 412 -17.60 24.56 10.69
N THR A 413 -18.20 25.75 10.49
CA THR A 413 -18.11 26.88 11.43
C THR A 413 -19.50 27.38 11.89
N LYS A 414 -20.54 27.14 11.12
CA LYS A 414 -21.87 27.64 11.42
C LYS A 414 -22.86 26.51 11.67
N GLY A 415 -23.31 26.38 12.90
CA GLY A 415 -24.28 25.36 13.27
C GLY A 415 -23.63 24.21 13.99
N THR A 416 -24.45 23.39 14.62
CA THR A 416 -23.94 22.22 15.34
C THR A 416 -24.45 20.95 14.67
N LEU A 417 -23.52 20.02 14.45
CA LEU A 417 -23.81 18.73 13.84
C LEU A 417 -24.35 17.73 14.87
N GLU A 418 -25.63 17.36 14.77
CA GLU A 418 -26.22 16.40 15.66
C GLU A 418 -25.76 14.94 15.36
N PRO A 419 -25.73 14.04 16.41
CA PRO A 419 -25.29 12.64 16.24
C PRO A 419 -25.89 11.82 15.08
N GLU A 420 -27.17 12.03 14.77
CA GLU A 420 -27.79 11.35 13.64
C GLU A 420 -27.20 11.80 12.28
N TYR A 421 -26.29 12.75 12.27
CA TYR A 421 -25.67 13.22 11.05
C TYR A 421 -24.15 12.98 10.99
N PHE A 422 -23.58 12.27 12.00
CA PHE A 422 -22.15 11.98 12.04
C PHE A 422 -21.77 11.12 10.84
N ASN A 423 -22.54 10.08 10.60
CA ASN A 423 -22.32 9.17 9.47
C ASN A 423 -23.59 8.30 9.30
N SER A 424 -23.58 7.37 8.32
CA SER A 424 -24.74 6.52 8.03
C SER A 424 -25.10 5.60 9.15
N VAL A 425 -24.06 5.05 9.83
CA VAL A 425 -24.22 4.13 10.94
C VAL A 425 -24.85 4.84 12.11
N CYS A 426 -24.35 6.05 12.43
CA CYS A 426 -24.89 6.90 13.51
C CYS A 426 -26.28 7.35 13.21
N ARG A 427 -26.57 7.67 11.93
CA ARG A 427 -27.92 8.03 11.53
C ARG A 427 -28.90 6.86 11.84
N LEU A 428 -28.48 5.64 11.51
CA LEU A 428 -29.26 4.45 11.80
C LEU A 428 -29.45 4.25 13.30
N MET A 429 -28.37 4.34 14.12
CA MET A 429 -28.51 4.15 15.56
C MET A 429 -29.43 5.18 16.24
N LYS A 430 -29.53 6.38 15.70
CA LYS A 430 -30.37 7.41 16.31
C LYS A 430 -31.81 7.36 15.81
N THR A 431 -32.02 6.90 14.57
CA THR A 431 -33.38 6.87 13.99
C THR A 431 -34.11 5.54 14.31
N ILE A 432 -33.61 4.40 13.79
CA ILE A 432 -34.23 3.08 13.98
C ILE A 432 -33.72 2.32 15.24
N GLY A 433 -32.75 2.91 15.94
CA GLY A 433 -32.11 2.31 17.09
C GLY A 433 -30.99 1.36 16.72
N PRO A 434 -30.08 1.09 17.65
CA PRO A 434 -29.01 0.14 17.36
C PRO A 434 -29.54 -1.32 17.46
N ASP A 435 -28.90 -2.24 16.73
CA ASP A 435 -29.30 -3.65 16.78
C ASP A 435 -29.01 -4.23 18.17
N MET A 436 -27.88 -3.81 18.76
CA MET A 436 -27.45 -4.27 20.06
C MET A 436 -27.06 -3.07 20.95
N PHE A 437 -27.31 -3.16 22.27
CA PHE A 437 -26.99 -2.08 23.22
C PHE A 437 -26.44 -2.69 24.47
N LEU A 438 -25.23 -2.25 24.90
CA LEU A 438 -24.61 -2.71 26.14
C LEU A 438 -25.09 -1.73 27.26
N GLY A 439 -25.99 -2.22 28.11
CA GLY A 439 -26.65 -1.38 29.09
C GLY A 439 -26.04 -1.20 30.47
N THR A 440 -24.94 -1.91 30.77
CA THR A 440 -24.34 -1.78 32.11
C THR A 440 -22.94 -1.23 32.04
N CYS A 441 -22.75 -0.04 32.62
CA CYS A 441 -21.44 0.60 32.70
C CYS A 441 -20.67 0.03 33.89
N ARG A 442 -19.56 -0.65 33.62
CA ARG A 442 -18.75 -1.25 34.66
C ARG A 442 -17.57 -0.38 35.11
N ARG A 443 -17.37 0.79 34.48
CA ARG A 443 -16.24 1.64 34.78
C ARG A 443 -16.48 2.68 35.85
N CYS A 444 -17.58 3.42 35.70
CA CYS A 444 -17.77 4.63 36.46
C CYS A 444 -18.48 4.49 37.77
N PRO A 445 -18.10 5.39 38.74
CA PRO A 445 -18.87 5.49 40.00
C PRO A 445 -20.33 5.83 39.65
N ALA A 446 -21.31 5.28 40.37
CA ALA A 446 -22.72 5.55 40.09
C ALA A 446 -23.09 7.04 39.86
N GLU A 447 -22.48 8.03 40.58
CA GLU A 447 -22.77 9.46 40.38
C GLU A 447 -22.62 9.87 38.91
N ILE A 448 -21.55 9.38 38.26
CA ILE A 448 -21.24 9.63 36.87
C ILE A 448 -22.19 8.87 35.96
N VAL A 449 -22.46 7.59 36.24
CA VAL A 449 -23.37 6.81 35.40
C VAL A 449 -24.79 7.42 35.40
N ASP A 450 -25.25 7.88 36.57
CA ASP A 450 -26.58 8.46 36.72
C ASP A 450 -26.72 9.79 35.97
N THR A 451 -25.64 10.56 35.89
CA THR A 451 -25.64 11.84 35.18
C THR A 451 -25.73 11.66 33.64
N VAL A 452 -24.82 10.85 33.04
CA VAL A 452 -24.77 10.64 31.60
C VAL A 452 -25.95 9.83 31.14
N SER A 453 -26.44 8.88 31.95
CA SER A 453 -27.64 8.09 31.61
C SER A 453 -28.84 9.02 31.36
N ALA A 454 -29.04 10.04 32.22
CA ALA A 454 -30.13 10.99 32.04
C ALA A 454 -29.84 11.99 30.91
N LEU A 455 -28.60 12.42 30.81
CA LEU A 455 -28.17 13.39 29.82
C LEU A 455 -28.24 12.92 28.37
N VAL A 456 -27.65 11.74 28.04
CA VAL A 456 -27.56 11.31 26.64
C VAL A 456 -28.11 9.92 26.33
N TYR A 457 -28.48 9.11 27.34
CA TYR A 457 -28.96 7.73 27.10
C TYR A 457 -30.41 7.44 27.46
N ASP A 458 -31.26 8.47 27.64
CA ASP A 458 -32.66 8.31 28.01
C ASP A 458 -32.87 7.35 29.21
N ASN A 459 -32.07 7.50 30.25
CA ASN A 459 -32.13 6.69 31.47
C ASN A 459 -32.03 5.18 31.26
N LYS A 460 -31.37 4.74 30.17
CA LYS A 460 -31.21 3.30 29.88
C LYS A 460 -29.84 2.74 30.27
N LEU A 461 -28.89 3.60 30.67
CA LEU A 461 -27.58 3.13 31.08
C LEU A 461 -27.60 2.89 32.60
N LYS A 462 -27.26 1.67 33.03
CA LYS A 462 -27.27 1.29 34.43
C LYS A 462 -25.86 1.23 35.07
N ALA A 463 -25.75 1.54 36.40
CA ALA A 463 -24.45 1.54 37.08
C ALA A 463 -24.18 0.23 37.73
N HIS A 464 -23.03 -0.36 37.41
CA HIS A 464 -22.61 -1.60 38.06
C HIS A 464 -21.91 -1.20 39.38
N LYS A 465 -21.04 -0.19 39.36
CA LYS A 465 -20.39 0.27 40.58
C LYS A 465 -21.39 1.01 41.49
N ASP A 466 -21.04 1.11 42.78
CA ASP A 466 -21.77 1.90 43.76
C ASP A 466 -21.31 3.38 43.55
N LYS A 467 -21.93 4.32 44.27
CA LYS A 467 -21.47 5.70 44.27
C LYS A 467 -20.10 5.68 45.02
N SER A 468 -19.07 6.26 44.42
CA SER A 468 -17.75 6.29 45.01
C SER A 468 -17.61 7.31 46.15
N ALA A 469 -18.50 8.33 46.20
CA ALA A 469 -18.44 9.49 47.11
C ALA A 469 -17.15 10.31 46.93
N GLN A 470 -16.60 10.25 45.71
CA GLN A 470 -15.39 10.94 45.28
C GLN A 470 -15.68 11.70 43.98
N CYS A 471 -16.93 12.18 43.77
CA CYS A 471 -17.30 12.92 42.56
C CYS A 471 -17.76 14.27 43.04
N PHE A 472 -17.01 15.33 42.69
CA PHE A 472 -17.23 16.71 43.13
C PHE A 472 -17.47 17.68 42.01
N LYS A 473 -18.23 18.72 42.30
CA LYS A 473 -18.56 19.73 41.33
C LYS A 473 -18.44 21.11 41.97
N MET A 474 -17.86 22.04 41.23
CA MET A 474 -17.73 23.38 41.73
C MET A 474 -18.14 24.31 40.66
N PHE A 475 -18.92 25.32 41.01
CA PHE A 475 -19.37 26.30 40.02
C PHE A 475 -18.48 27.53 40.17
N TYR A 476 -17.52 27.67 39.25
CA TYR A 476 -16.55 28.75 39.30
C TYR A 476 -16.26 29.27 37.88
N LYS A 477 -16.81 30.44 37.52
CA LYS A 477 -16.60 30.98 36.17
C LYS A 477 -15.16 31.47 35.92
N GLY A 478 -14.48 31.94 36.97
CA GLY A 478 -13.09 32.40 36.86
C GLY A 478 -12.94 33.54 35.89
N VAL A 479 -11.84 33.52 35.11
CA VAL A 479 -11.49 34.53 34.11
C VAL A 479 -11.03 33.85 32.82
N ILE A 480 -11.67 34.19 31.69
CA ILE A 480 -11.34 33.54 30.43
C ILE A 480 -10.38 34.35 29.62
N THR A 481 -9.21 33.79 29.34
CA THR A 481 -8.21 34.42 28.48
C THR A 481 -8.11 33.57 27.19
N HIS A 482 -7.48 34.10 26.12
CA HIS A 482 -7.40 33.35 24.87
C HIS A 482 -6.03 33.40 24.19
N ASP A 483 -5.49 32.22 23.81
CA ASP A 483 -4.26 32.02 23.04
C ASP A 483 -4.79 31.86 21.62
N VAL A 484 -4.87 32.97 20.87
CA VAL A 484 -5.48 33.05 19.54
C VAL A 484 -7.02 32.89 19.83
N SER A 485 -7.60 31.68 19.68
CA SER A 485 -8.99 31.40 20.03
C SER A 485 -9.13 30.24 21.04
N SER A 486 -8.03 29.45 21.26
CA SER A 486 -8.00 28.38 22.22
C SER A 486 -8.00 29.08 23.61
N ALA A 487 -8.88 28.64 24.50
CA ALA A 487 -9.13 29.29 25.76
C ALA A 487 -8.31 28.79 26.98
N ILE A 488 -8.09 29.71 27.91
CA ILE A 488 -7.41 29.47 29.18
C ILE A 488 -8.30 30.07 30.30
N ASN A 489 -8.30 29.43 31.48
CA ASN A 489 -8.97 29.88 32.67
C ASN A 489 -8.02 29.58 33.84
N ARG A 490 -7.09 30.50 34.12
CA ARG A 490 -6.11 30.39 35.22
C ARG A 490 -6.79 30.31 36.60
N PRO A 491 -7.82 31.14 36.91
CA PRO A 491 -8.52 30.98 38.20
C PRO A 491 -9.12 29.56 38.42
N GLN A 492 -9.63 28.86 37.35
CA GLN A 492 -10.12 27.48 37.50
C GLN A 492 -8.98 26.50 37.81
N ILE A 493 -7.78 26.71 37.21
CA ILE A 493 -6.58 25.93 37.54
C ILE A 493 -6.08 26.25 38.99
N GLY A 494 -6.31 27.48 39.45
CA GLY A 494 -5.97 27.91 40.80
C GLY A 494 -6.85 27.21 41.82
N VAL A 495 -8.14 27.12 41.52
CA VAL A 495 -9.09 26.37 42.35
C VAL A 495 -8.64 24.87 42.46
N VAL A 496 -8.13 24.26 41.36
CA VAL A 496 -7.64 22.88 41.31
C VAL A 496 -6.39 22.72 42.18
N ARG A 497 -5.50 23.72 42.13
CA ARG A 497 -4.28 23.74 42.92
C ARG A 497 -4.61 23.71 44.44
N GLU A 498 -5.60 24.55 44.87
CA GLU A 498 -6.03 24.60 46.28
C GLU A 498 -6.68 23.30 46.70
N PHE A 499 -7.46 22.70 45.78
CA PHE A 499 -8.11 21.41 46.03
C PHE A 499 -7.07 20.29 46.25
N LEU A 500 -6.02 20.27 45.40
CA LEU A 500 -4.96 19.26 45.47
C LEU A 500 -4.21 19.24 46.80
N THR A 501 -3.98 20.43 47.38
CA THR A 501 -3.28 20.54 48.67
C THR A 501 -4.11 19.82 49.76
N ARG A 502 -5.45 19.99 49.76
CA ARG A 502 -6.34 19.35 50.73
C ARG A 502 -6.74 17.93 50.35
N ASN A 503 -6.44 17.50 49.13
CA ASN A 503 -6.78 16.17 48.68
C ASN A 503 -5.60 15.53 47.96
N PRO A 504 -4.50 15.26 48.69
CA PRO A 504 -3.30 14.67 48.05
C PRO A 504 -3.48 13.33 47.31
N ALA A 505 -4.54 12.55 47.61
CA ALA A 505 -4.78 11.31 46.85
C ALA A 505 -4.95 11.60 45.34
N TRP A 506 -5.52 12.79 45.05
CA TRP A 506 -5.77 13.30 43.72
C TRP A 506 -4.52 13.72 42.96
N ARG A 507 -3.31 13.50 43.55
CA ARG A 507 -1.98 13.74 42.96
C ARG A 507 -1.78 12.92 41.70
N LYS A 508 -2.44 11.77 41.60
CA LYS A 508 -2.34 10.86 40.48
C LYS A 508 -3.46 11.07 39.41
N ALA A 509 -4.21 12.18 39.50
CA ALA A 509 -5.29 12.46 38.57
C ALA A 509 -4.76 12.97 37.24
N VAL A 510 -5.56 12.76 36.18
CA VAL A 510 -5.37 13.24 34.83
C VAL A 510 -6.21 14.49 34.71
N PHE A 511 -5.58 15.62 34.30
CA PHE A 511 -6.25 16.91 34.06
C PHE A 511 -6.85 16.89 32.64
N ILE A 512 -8.16 17.14 32.53
CA ILE A 512 -8.87 17.18 31.27
C ILE A 512 -9.61 18.51 31.12
N SER A 513 -9.62 19.05 29.92
CA SER A 513 -10.32 20.29 29.60
C SER A 513 -10.66 20.29 28.12
N PRO A 514 -11.60 21.14 27.67
CA PRO A 514 -11.95 21.17 26.25
C PRO A 514 -10.93 21.91 25.37
N TYR A 515 -9.86 22.49 25.94
CA TYR A 515 -8.86 23.28 25.20
C TYR A 515 -7.41 22.86 25.48
N ASN A 516 -6.59 22.77 24.43
CA ASN A 516 -5.15 22.50 24.49
C ASN A 516 -4.40 23.56 25.32
N SER A 517 -4.79 24.83 25.13
CA SER A 517 -4.12 25.93 25.80
C SER A 517 -4.40 25.91 27.28
N GLN A 518 -5.62 25.55 27.71
CA GLN A 518 -5.92 25.40 29.13
C GLN A 518 -5.03 24.27 29.72
N ASN A 519 -4.92 23.15 28.99
CA ASN A 519 -4.10 21.98 29.32
C ASN A 519 -2.60 22.29 29.41
N ALA A 520 -2.12 23.23 28.61
CA ALA A 520 -0.70 23.63 28.60
C ALA A 520 -0.37 24.40 29.86
N VAL A 521 -1.27 25.32 30.27
CA VAL A 521 -1.15 26.12 31.47
C VAL A 521 -1.27 25.20 32.70
N ALA A 522 -2.22 24.26 32.69
CA ALA A 522 -2.39 23.33 33.82
C ALA A 522 -1.21 22.38 34.01
N SER A 523 -0.52 22.02 32.91
CA SER A 523 0.62 21.13 33.00
C SER A 523 1.79 21.77 33.74
N LYS A 524 1.99 23.08 33.58
CA LYS A 524 3.07 23.80 34.25
C LYS A 524 2.73 24.18 35.72
N ILE A 525 1.47 24.55 35.99
CA ILE A 525 1.05 24.93 37.34
C ILE A 525 0.75 23.73 38.26
N LEU A 526 0.14 22.67 37.71
CA LEU A 526 -0.24 21.49 38.51
C LEU A 526 0.73 20.31 38.42
N GLY A 527 1.40 20.17 37.28
CA GLY A 527 2.29 19.05 37.06
C GLY A 527 1.57 17.75 36.73
N LEU A 528 0.23 17.78 36.59
CA LEU A 528 -0.58 16.60 36.26
C LEU A 528 -0.47 16.27 34.78
N PRO A 529 -0.61 14.97 34.40
CA PRO A 529 -0.74 14.64 32.97
C PRO A 529 -2.05 15.26 32.46
N THR A 530 -1.97 15.75 31.23
CA THR A 530 -3.00 16.54 30.57
C THR A 530 -3.61 15.80 29.36
N GLN A 531 -4.88 16.06 29.07
CA GLN A 531 -5.57 15.42 27.98
C GLN A 531 -6.74 16.29 27.54
N THR A 532 -6.98 16.46 26.23
CA THR A 532 -8.19 17.20 25.81
C THR A 532 -9.31 16.19 25.94
N VAL A 533 -10.59 16.63 25.97
CA VAL A 533 -11.72 15.67 26.02
C VAL A 533 -11.69 14.77 24.79
N ASP A 534 -11.41 15.38 23.62
CA ASP A 534 -11.37 14.68 22.34
C ASP A 534 -10.25 13.63 22.30
N SER A 535 -9.07 13.92 22.88
CA SER A 535 -7.99 12.92 22.92
C SER A 535 -8.13 11.90 24.08
N SER A 536 -9.04 12.18 25.06
CA SER A 536 -9.29 11.28 26.19
C SER A 536 -10.22 10.13 25.82
N GLN A 537 -11.07 10.30 24.77
CA GLN A 537 -12.03 9.31 24.29
C GLN A 537 -11.38 7.95 24.10
N GLY A 538 -12.00 6.93 24.66
CA GLY A 538 -11.48 5.58 24.61
C GLY A 538 -10.60 5.18 25.79
N SER A 539 -10.05 6.16 26.54
CA SER A 539 -9.18 5.94 27.70
C SER A 539 -9.95 6.01 29.05
N GLU A 540 -9.37 5.42 30.11
CA GLU A 540 -9.93 5.47 31.45
C GLU A 540 -8.82 5.67 32.48
N TYR A 541 -9.12 6.44 33.51
CA TYR A 541 -8.19 6.79 34.58
C TYR A 541 -8.90 6.71 35.93
N ASP A 542 -8.17 6.40 37.02
CA ASP A 542 -8.80 6.34 38.35
C ASP A 542 -9.40 7.67 38.73
N TYR A 543 -8.61 8.75 38.59
CA TYR A 543 -9.07 10.08 38.94
C TYR A 543 -8.96 11.03 37.78
N VAL A 544 -9.96 11.90 37.64
CA VAL A 544 -10.01 12.87 36.56
C VAL A 544 -10.32 14.23 37.13
N ILE A 545 -9.58 15.26 36.70
CA ILE A 545 -9.91 16.63 37.09
C ILE A 545 -10.27 17.37 35.82
N PHE A 546 -11.52 17.82 35.74
CA PHE A 546 -12.02 18.52 34.58
C PHE A 546 -12.31 19.98 34.85
N THR A 547 -11.69 20.90 34.09
CA THR A 547 -12.09 22.32 34.15
C THR A 547 -12.82 22.65 32.82
N GLN A 548 -14.07 23.12 32.89
CA GLN A 548 -14.84 23.45 31.69
C GLN A 548 -14.25 24.60 30.87
N THR A 549 -13.44 25.47 31.51
CA THR A 549 -12.73 26.63 30.94
C THR A 549 -13.69 27.79 30.49
N THR A 550 -14.64 27.52 29.57
CA THR A 550 -15.55 28.52 29.00
C THR A 550 -17.01 28.01 29.02
N GLU A 551 -17.96 28.85 28.54
CA GLU A 551 -19.37 28.52 28.36
C GLU A 551 -19.75 28.50 26.87
N THR A 552 -18.79 28.20 25.99
CA THR A 552 -19.02 28.13 24.56
C THR A 552 -19.89 26.92 24.14
N ALA A 553 -20.29 26.86 22.85
CA ALA A 553 -21.01 25.70 22.33
C ALA A 553 -20.09 24.43 22.36
N HIS A 554 -18.74 24.64 22.27
CA HIS A 554 -17.71 23.61 22.29
C HIS A 554 -17.60 22.99 23.69
N SER A 555 -17.43 23.83 24.73
CA SER A 555 -17.30 23.31 26.07
C SER A 555 -18.63 22.86 26.68
N CYS A 556 -19.81 23.25 26.09
CA CYS A 556 -21.13 22.79 26.55
C CYS A 556 -21.72 21.64 25.77
N ASN A 557 -21.01 21.17 24.72
CA ASN A 557 -21.50 20.08 23.88
C ASN A 557 -21.77 18.83 24.76
N VAL A 558 -23.01 18.28 24.70
CA VAL A 558 -23.34 17.16 25.56
C VAL A 558 -22.52 15.90 25.25
N ASN A 559 -22.10 15.67 23.98
CA ASN A 559 -21.30 14.49 23.65
C ASN A 559 -19.92 14.60 24.28
N ARG A 560 -19.32 15.79 24.20
CA ARG A 560 -18.03 16.09 24.79
C ARG A 560 -18.15 16.02 26.32
N PHE A 561 -19.26 16.54 26.89
CA PHE A 561 -19.45 16.49 28.33
C PHE A 561 -19.52 15.03 28.84
N ASN A 562 -20.30 14.21 28.10
CA ASN A 562 -20.46 12.78 28.34
C ASN A 562 -19.07 12.08 28.34
N VAL A 563 -18.24 12.31 27.30
CA VAL A 563 -16.91 11.69 27.22
C VAL A 563 -16.02 12.17 28.35
N ALA A 564 -16.03 13.49 28.63
CA ALA A 564 -15.21 14.05 29.68
C ALA A 564 -15.40 13.38 31.05
N ILE A 565 -16.65 13.21 31.51
CA ILE A 565 -16.89 12.69 32.85
C ILE A 565 -16.88 11.16 32.93
N THR A 566 -17.09 10.44 31.80
CA THR A 566 -17.05 8.99 31.78
C THR A 566 -15.62 8.41 31.66
N ARG A 567 -14.57 9.24 31.85
CA ARG A 567 -13.18 8.74 31.81
C ARG A 567 -12.75 8.16 33.19
N ALA A 568 -13.42 8.59 34.28
CA ALA A 568 -13.09 8.22 35.64
C ALA A 568 -13.63 6.89 36.11
N LYS A 569 -12.76 6.13 36.76
CA LYS A 569 -13.08 4.85 37.39
C LYS A 569 -13.44 5.06 38.85
N VAL A 570 -12.77 6.01 39.53
CA VAL A 570 -12.96 6.20 40.96
C VAL A 570 -13.56 7.57 41.35
N GLY A 571 -12.91 8.65 40.95
CA GLY A 571 -13.39 9.97 41.29
C GLY A 571 -13.20 11.00 40.19
N ILE A 572 -13.95 12.10 40.30
CA ILE A 572 -13.87 13.21 39.37
C ILE A 572 -14.11 14.53 40.11
N LEU A 573 -13.39 15.57 39.70
CA LEU A 573 -13.58 16.90 40.21
C LEU A 573 -13.93 17.74 38.95
N CYS A 574 -15.12 18.36 38.90
CA CYS A 574 -15.58 19.15 37.77
C CYS A 574 -15.70 20.59 38.14
N ILE A 575 -14.86 21.46 37.60
CA ILE A 575 -14.95 22.91 37.83
C ILE A 575 -15.70 23.43 36.59
N MET A 576 -17.00 23.71 36.80
CA MET A 576 -17.95 24.13 35.77
C MET A 576 -18.08 25.62 35.58
N SER A 577 -18.44 25.98 34.34
CA SER A 577 -18.68 27.34 33.87
C SER A 577 -20.17 27.52 33.54
N ASP A 578 -20.81 26.45 33.00
CA ASP A 578 -22.21 26.41 32.58
C ASP A 578 -23.11 25.94 33.72
N ARG A 579 -24.13 26.76 34.08
CA ARG A 579 -25.08 26.45 35.16
C ARG A 579 -25.90 25.21 34.85
N ASP A 580 -26.29 25.06 33.58
CA ASP A 580 -27.09 23.94 33.11
C ASP A 580 -26.38 22.60 33.41
N LEU A 581 -25.20 22.36 32.82
CA LEU A 581 -24.47 21.14 33.05
C LEU A 581 -24.03 21.01 34.51
N TYR A 582 -23.76 22.13 35.22
CA TYR A 582 -23.38 22.05 36.64
C TYR A 582 -24.56 21.48 37.44
N ASP A 583 -25.77 21.99 37.18
CA ASP A 583 -26.99 21.59 37.88
C ASP A 583 -27.37 20.14 37.60
N LYS A 584 -27.04 19.62 36.40
CA LYS A 584 -27.35 18.24 36.08
C LYS A 584 -26.38 17.27 36.72
N LEU A 585 -25.09 17.68 36.94
CA LEU A 585 -24.10 16.80 37.56
C LEU A 585 -24.62 16.29 38.94
N GLN A 586 -24.74 14.95 39.08
CA GLN A 586 -25.20 14.35 40.32
C GLN A 586 -24.03 14.07 41.25
N PHE A 587 -23.23 15.12 41.56
CA PHE A 587 -22.01 15.08 42.39
C PHE A 587 -22.20 15.92 43.65
N THR A 588 -21.34 15.70 44.65
CA THR A 588 -21.27 16.47 45.88
C THR A 588 -20.70 17.87 45.51
N SER A 589 -21.44 18.96 45.81
CA SER A 589 -20.95 20.30 45.52
C SER A 589 -19.88 20.72 46.54
N LEU A 590 -18.89 21.52 46.12
CA LEU A 590 -17.82 22.00 46.97
C LEU A 590 -17.86 23.54 47.10
N GLU A 591 -17.39 24.07 48.24
CA GLU A 591 -17.35 25.50 48.51
C GLU A 591 -15.95 26.08 48.29
N ILE A 592 -15.92 27.39 47.96
CA ILE A 592 -14.85 28.39 47.68
C ILE A 592 -15.31 29.22 46.46
N VAL B 2 -10.76 -24.16 5.46
CA VAL B 2 -10.85 -24.96 4.23
C VAL B 2 -10.34 -24.17 3.00
N GLY B 3 -10.03 -24.93 1.93
CA GLY B 3 -9.51 -24.49 0.64
C GLY B 3 -9.39 -25.62 -0.36
N ALA B 4 -8.70 -25.37 -1.47
CA ALA B 4 -8.56 -26.33 -2.55
C ALA B 4 -7.14 -26.91 -2.68
N CYS B 5 -7.06 -28.23 -2.93
CA CYS B 5 -5.81 -28.98 -3.07
C CYS B 5 -4.94 -28.47 -4.23
N VAL B 6 -3.69 -28.07 -3.95
CA VAL B 6 -2.80 -27.57 -4.99
C VAL B 6 -2.40 -28.66 -6.03
N LEU B 7 -2.78 -29.94 -5.85
CA LEU B 7 -2.43 -30.97 -6.86
C LEU B 7 -3.63 -31.58 -7.58
N CYS B 8 -4.77 -31.61 -6.89
CA CYS B 8 -6.01 -32.25 -7.33
C CYS B 8 -7.15 -31.29 -7.58
N ASN B 9 -7.20 -30.26 -6.76
CA ASN B 9 -8.28 -29.28 -6.59
C ASN B 9 -9.34 -29.81 -5.60
N SER B 10 -9.31 -31.13 -5.22
CA SER B 10 -10.23 -31.76 -4.27
C SER B 10 -10.34 -30.94 -2.99
N GLN B 11 -11.53 -30.41 -2.69
CA GLN B 11 -11.81 -29.57 -1.51
C GLN B 11 -11.29 -30.20 -0.23
N THR B 12 -10.54 -29.45 0.60
CA THR B 12 -10.01 -30.02 1.86
C THR B 12 -9.76 -29.00 2.95
N SER B 13 -9.81 -29.47 4.20
CA SER B 13 -9.47 -28.72 5.39
C SER B 13 -7.94 -28.78 5.67
N LEU B 14 -7.24 -29.80 5.13
CA LEU B 14 -5.80 -30.04 5.30
C LEU B 14 -4.89 -29.08 4.54
N ARG B 15 -3.88 -28.58 5.25
CA ARG B 15 -2.79 -27.73 4.76
C ARG B 15 -1.52 -28.34 5.34
N CYS B 16 -0.42 -28.47 4.55
CA CYS B 16 0.82 -28.98 5.12
C CYS B 16 1.47 -27.89 5.98
N GLY B 17 1.83 -28.22 7.21
CA GLY B 17 2.45 -27.26 8.14
C GLY B 17 3.95 -27.13 7.96
N ALA B 18 4.61 -28.20 7.41
CA ALA B 18 6.06 -28.21 7.18
C ALA B 18 6.46 -27.48 5.89
N CYS B 19 5.50 -27.26 4.98
CA CYS B 19 5.69 -26.48 3.76
C CYS B 19 5.68 -25.03 4.23
N ILE B 20 6.62 -24.21 3.72
CA ILE B 20 6.67 -22.81 4.15
C ILE B 20 5.49 -22.00 3.60
N ARG B 21 4.77 -22.52 2.58
CA ARG B 21 3.60 -21.86 2.03
C ARG B 21 2.27 -22.39 2.58
N ARG B 22 2.32 -23.51 3.37
CA ARG B 22 1.16 -24.18 3.94
C ARG B 22 0.08 -24.45 2.91
N PRO B 23 0.42 -25.16 1.81
CA PRO B 23 -0.55 -25.40 0.76
C PRO B 23 -1.69 -26.32 1.16
N PHE B 24 -2.87 -26.09 0.60
CA PHE B 24 -4.00 -26.98 0.83
C PHE B 24 -3.73 -28.29 0.07
N LEU B 25 -3.82 -29.42 0.79
CA LEU B 25 -3.63 -30.76 0.24
C LEU B 25 -4.85 -31.62 0.62
N CYS B 26 -5.39 -32.43 -0.32
CA CYS B 26 -6.55 -33.27 -0.02
C CYS B 26 -6.17 -34.44 0.91
N CYS B 27 -7.14 -35.28 1.30
CA CYS B 27 -6.87 -36.41 2.17
C CYS B 27 -5.90 -37.38 1.49
N LYS B 28 -6.04 -37.59 0.16
CA LYS B 28 -5.15 -38.49 -0.58
C LYS B 28 -3.75 -37.89 -0.76
N CYS B 29 -3.68 -36.68 -1.32
CA CYS B 29 -2.40 -36.00 -1.63
C CYS B 29 -1.61 -35.64 -0.37
N CYS B 30 -2.30 -35.33 0.73
CA CYS B 30 -1.64 -35.02 1.98
C CYS B 30 -0.90 -36.25 2.51
N TYR B 31 -1.54 -37.42 2.41
CA TYR B 31 -0.95 -38.68 2.82
C TYR B 31 0.30 -38.98 2.00
N ASP B 32 0.17 -39.01 0.65
CA ASP B 32 1.26 -39.28 -0.29
C ASP B 32 2.44 -38.37 -0.05
N HIS B 33 2.21 -37.13 0.44
CA HIS B 33 3.25 -36.15 0.73
C HIS B 33 3.92 -36.39 2.09
N VAL B 34 3.11 -36.62 3.17
CA VAL B 34 3.66 -36.82 4.51
C VAL B 34 4.44 -38.13 4.60
N ILE B 35 4.02 -39.18 3.87
CA ILE B 35 4.72 -40.47 3.89
C ILE B 35 5.96 -40.52 2.97
N SER B 36 6.16 -39.52 2.09
CA SER B 36 7.28 -39.51 1.14
C SER B 36 8.34 -38.44 1.45
N THR B 37 8.07 -37.54 2.42
CA THR B 37 8.99 -36.47 2.78
C THR B 37 9.17 -36.42 4.32
N SER B 38 10.12 -35.59 4.80
CA SER B 38 10.30 -35.28 6.21
C SER B 38 9.14 -34.40 6.75
N HIS B 39 8.18 -33.99 5.88
CA HIS B 39 7.07 -33.15 6.23
C HIS B 39 6.00 -33.99 6.93
N LYS B 40 5.81 -33.78 8.24
CA LYS B 40 4.81 -34.55 8.99
C LYS B 40 3.81 -33.67 9.74
N LEU B 41 4.04 -32.34 9.86
CA LEU B 41 3.04 -31.50 10.55
C LEU B 41 1.86 -31.22 9.62
N VAL B 42 0.64 -31.64 9.99
CA VAL B 42 -0.57 -31.39 9.19
C VAL B 42 -1.44 -30.34 9.91
N LEU B 43 -2.00 -29.37 9.16
CA LEU B 43 -2.86 -28.31 9.69
C LEU B 43 -4.28 -28.44 9.13
N SER B 44 -5.27 -28.07 9.94
CA SER B 44 -6.67 -28.12 9.51
C SER B 44 -7.36 -26.92 10.21
N VAL B 45 -8.53 -27.10 10.89
CA VAL B 45 -9.12 -26.05 11.74
C VAL B 45 -8.14 -25.87 12.92
N ASN B 46 -7.67 -27.01 13.46
CA ASN B 46 -6.66 -27.12 14.49
C ASN B 46 -5.43 -27.85 13.89
N PRO B 47 -4.23 -27.67 14.49
CA PRO B 47 -3.08 -28.44 14.03
C PRO B 47 -3.16 -29.88 14.61
N TYR B 48 -2.68 -30.84 13.84
CA TYR B 48 -2.68 -32.22 14.25
C TYR B 48 -1.46 -32.36 15.11
N VAL B 49 -1.67 -32.11 16.41
CA VAL B 49 -0.64 -32.14 17.43
C VAL B 49 -1.19 -32.83 18.68
N CYS B 50 -0.32 -33.47 19.51
CA CYS B 50 -0.82 -34.11 20.73
C CYS B 50 -1.25 -33.10 21.79
N ASN B 51 -2.53 -33.20 22.15
CA ASN B 51 -3.18 -32.33 23.12
C ASN B 51 -2.77 -32.56 24.57
N ALA B 52 -2.17 -33.72 24.87
CA ALA B 52 -1.71 -34.02 26.22
C ALA B 52 -0.67 -32.99 26.66
N PRO B 53 -0.81 -32.47 27.90
CA PRO B 53 0.12 -31.43 28.37
C PRO B 53 1.62 -31.78 28.34
N GLY B 54 2.43 -30.86 27.81
CA GLY B 54 3.88 -31.01 27.71
C GLY B 54 4.34 -32.09 26.75
N CYS B 55 3.46 -32.53 25.85
CA CYS B 55 3.78 -33.57 24.88
C CYS B 55 4.16 -32.95 23.54
N ASP B 56 5.35 -33.32 23.03
CA ASP B 56 5.91 -32.80 21.78
C ASP B 56 5.67 -33.66 20.54
N VAL B 57 4.59 -34.49 20.51
CA VAL B 57 4.31 -35.30 19.32
C VAL B 57 3.52 -34.46 18.31
N THR B 58 4.15 -34.17 17.14
CA THR B 58 3.58 -33.37 16.05
C THR B 58 3.47 -34.16 14.72
N ASP B 59 4.09 -35.34 14.63
CA ASP B 59 4.08 -36.20 13.43
C ASP B 59 2.68 -36.79 13.26
N VAL B 60 2.02 -36.52 12.12
CA VAL B 60 0.66 -36.99 11.77
C VAL B 60 0.53 -38.52 11.75
N THR B 61 1.62 -39.25 11.43
CA THR B 61 1.61 -40.71 11.39
C THR B 61 1.64 -41.33 12.84
N GLN B 62 2.04 -40.53 13.85
CA GLN B 62 2.09 -40.92 15.24
C GLN B 62 0.90 -40.32 16.02
N LEU B 63 -0.22 -39.96 15.36
CA LEU B 63 -1.35 -39.31 16.04
C LEU B 63 -2.71 -39.93 15.70
N TYR B 64 -3.73 -39.71 16.60
CA TYR B 64 -5.09 -40.27 16.53
C TYR B 64 -6.16 -39.24 16.99
N LEU B 65 -7.45 -39.47 16.64
CA LEU B 65 -8.52 -38.61 17.12
C LEU B 65 -9.30 -39.31 18.25
N GLY B 66 -9.11 -38.81 19.47
CA GLY B 66 -9.76 -39.30 20.69
C GLY B 66 -10.99 -38.48 21.01
N GLY B 67 -12.12 -38.91 20.44
CA GLY B 67 -13.40 -38.23 20.60
C GLY B 67 -13.54 -37.00 19.72
N MET B 68 -12.98 -35.88 20.18
CA MET B 68 -12.98 -34.62 19.44
C MET B 68 -11.60 -33.94 19.38
N SER B 69 -10.63 -34.45 20.15
CA SER B 69 -9.26 -33.93 20.26
C SER B 69 -8.18 -34.88 19.62
N TYR B 70 -6.91 -34.45 19.56
CA TYR B 70 -5.84 -35.25 18.93
C TYR B 70 -4.79 -35.67 19.95
N TYR B 71 -4.37 -36.94 19.91
CA TYR B 71 -3.37 -37.46 20.85
C TYR B 71 -2.43 -38.45 20.18
N CYS B 72 -1.22 -38.62 20.72
CA CYS B 72 -0.27 -39.59 20.20
C CYS B 72 -0.63 -41.06 20.66
N LYS B 73 0.27 -42.04 20.43
CA LYS B 73 0.03 -43.43 20.84
C LYS B 73 0.05 -43.55 22.38
N SER B 74 0.89 -42.72 23.07
CA SER B 74 1.07 -42.69 24.53
C SER B 74 -0.03 -41.96 25.31
N HIS B 75 -0.83 -41.12 24.64
CA HIS B 75 -1.85 -40.35 25.35
C HIS B 75 -3.27 -40.54 24.85
N LYS B 76 -3.46 -41.30 23.76
CA LYS B 76 -4.80 -41.49 23.20
C LYS B 76 -5.75 -42.24 24.15
N PRO B 77 -7.06 -41.90 24.11
CA PRO B 77 -8.04 -42.67 24.88
C PRO B 77 -8.36 -44.02 24.19
N PRO B 78 -9.17 -44.92 24.81
CA PRO B 78 -9.42 -46.23 24.18
C PRO B 78 -10.14 -46.14 22.84
N ILE B 79 -11.10 -45.20 22.72
CA ILE B 79 -11.86 -45.01 21.50
C ILE B 79 -11.24 -43.91 20.63
N SER B 80 -10.39 -44.34 19.70
CA SER B 80 -9.70 -43.42 18.79
C SER B 80 -9.34 -44.10 17.46
N PHE B 81 -9.16 -43.31 16.40
CA PHE B 81 -8.76 -43.80 15.09
C PHE B 81 -7.56 -43.00 14.58
N PRO B 82 -6.60 -43.64 13.87
CA PRO B 82 -5.40 -42.91 13.45
C PRO B 82 -5.69 -41.85 12.40
N LEU B 83 -4.93 -40.74 12.42
CA LEU B 83 -5.11 -39.70 11.38
C LEU B 83 -4.58 -40.20 10.01
N CYS B 84 -3.56 -41.09 10.01
CA CYS B 84 -3.04 -41.73 8.78
C CYS B 84 -3.51 -43.14 8.62
N ALA B 85 -4.33 -43.41 7.62
CA ALA B 85 -4.82 -44.76 7.37
C ALA B 85 -5.39 -44.86 5.97
N ASN B 86 -5.27 -46.02 5.32
CA ASN B 86 -5.83 -46.28 3.99
C ASN B 86 -5.42 -45.29 2.88
N GLY B 87 -4.20 -44.75 2.96
CA GLY B 87 -3.73 -43.78 1.97
C GLY B 87 -4.34 -42.39 2.08
N GLN B 88 -4.87 -42.07 3.26
CA GLN B 88 -5.49 -40.79 3.49
C GLN B 88 -5.11 -40.21 4.85
N VAL B 89 -5.16 -38.88 4.96
CA VAL B 89 -4.97 -38.19 6.23
C VAL B 89 -6.38 -37.69 6.59
N PHE B 90 -6.85 -37.99 7.81
CA PHE B 90 -8.18 -37.61 8.26
C PHE B 90 -8.42 -36.10 8.18
N GLY B 91 -9.56 -35.70 7.65
CA GLY B 91 -9.97 -34.30 7.54
C GLY B 91 -11.35 -34.15 6.96
N LEU B 92 -11.67 -32.99 6.42
CA LEU B 92 -12.96 -32.74 5.77
C LEU B 92 -12.94 -33.19 4.30
N TYR B 93 -14.14 -33.49 3.76
CA TYR B 93 -14.39 -33.86 2.36
C TYR B 93 -13.55 -35.05 1.88
N LYS B 94 -13.52 -36.13 2.72
CA LYS B 94 -12.83 -37.43 2.53
C LYS B 94 -13.42 -38.27 1.37
N ASN B 95 -14.67 -37.94 0.97
CA ASN B 95 -15.41 -38.56 -0.12
C ASN B 95 -15.00 -37.96 -1.48
N THR B 96 -14.88 -36.60 -1.55
CA THR B 96 -14.44 -35.84 -2.74
C THR B 96 -12.89 -35.71 -2.71
N CYS B 97 -12.25 -36.79 -3.15
CA CYS B 97 -10.81 -37.00 -3.15
C CYS B 97 -10.44 -37.67 -4.47
N VAL B 98 -9.38 -37.19 -5.15
CA VAL B 98 -8.98 -37.77 -6.44
C VAL B 98 -7.58 -38.40 -6.45
N GLY B 99 -6.59 -37.64 -5.97
CA GLY B 99 -5.19 -38.09 -5.92
C GLY B 99 -4.39 -37.71 -7.14
N SER B 100 -3.12 -38.12 -7.18
CA SER B 100 -2.22 -37.88 -8.29
C SER B 100 -1.31 -39.10 -8.45
N ASP B 101 -1.14 -39.59 -9.70
CA ASP B 101 -0.31 -40.76 -10.07
C ASP B 101 1.10 -40.74 -9.45
N ASN B 102 1.65 -39.53 -9.29
CA ASN B 102 2.95 -39.25 -8.69
C ASN B 102 3.09 -37.78 -8.27
N VAL B 103 3.07 -37.56 -6.95
CA VAL B 103 3.30 -36.27 -6.29
C VAL B 103 4.84 -35.96 -6.23
N THR B 104 5.66 -36.71 -7.00
CA THR B 104 7.12 -36.65 -7.05
C THR B 104 7.65 -35.25 -7.27
N ASP B 105 7.04 -34.48 -8.18
CA ASP B 105 7.46 -33.10 -8.50
C ASP B 105 7.02 -32.11 -7.40
N PHE B 106 5.84 -32.35 -6.79
CA PHE B 106 5.38 -31.50 -5.70
C PHE B 106 6.34 -31.63 -4.49
N ASN B 107 6.77 -32.87 -4.18
CA ASN B 107 7.67 -33.15 -3.05
C ASN B 107 8.98 -32.43 -3.21
N ALA B 108 9.56 -32.45 -4.44
CA ALA B 108 10.83 -31.83 -4.76
C ALA B 108 10.76 -30.30 -4.67
N ILE B 109 9.64 -29.69 -5.11
CA ILE B 109 9.45 -28.24 -5.01
C ILE B 109 9.25 -27.85 -3.53
N ALA B 110 8.51 -28.66 -2.77
CA ALA B 110 8.20 -28.44 -1.36
C ALA B 110 9.41 -28.51 -0.44
N THR B 111 10.40 -29.35 -0.77
CA THR B 111 11.55 -29.61 0.09
C THR B 111 12.94 -29.10 -0.43
N CYS B 112 13.02 -28.58 -1.66
CA CYS B 112 14.31 -28.11 -2.20
C CYS B 112 14.78 -26.79 -1.55
N ASP B 113 16.09 -26.55 -1.54
CA ASP B 113 16.62 -25.32 -0.95
C ASP B 113 16.82 -24.15 -1.96
N TRP B 114 16.51 -24.39 -3.26
CA TRP B 114 16.60 -23.44 -4.37
C TRP B 114 18.03 -22.95 -4.66
N THR B 115 19.06 -23.71 -4.25
CA THR B 115 20.45 -23.33 -4.52
C THR B 115 20.98 -23.95 -5.83
N ASN B 116 20.26 -24.93 -6.40
CA ASN B 116 20.63 -25.66 -7.61
C ASN B 116 19.80 -25.18 -8.81
N ALA B 117 20.36 -25.24 -10.02
CA ALA B 117 19.65 -24.79 -11.22
C ALA B 117 18.48 -25.73 -11.57
N GLY B 118 18.67 -27.04 -11.32
CA GLY B 118 17.66 -28.07 -11.55
C GLY B 118 16.36 -27.83 -10.80
N ASP B 119 16.41 -26.97 -9.75
CA ASP B 119 15.25 -26.58 -8.95
C ASP B 119 14.37 -25.63 -9.76
N TYR B 120 15.02 -24.67 -10.45
CA TYR B 120 14.38 -23.67 -11.29
C TYR B 120 13.90 -24.27 -12.62
N ILE B 121 14.59 -25.34 -13.10
CA ILE B 121 14.22 -26.08 -14.30
C ILE B 121 12.89 -26.76 -14.01
N LEU B 122 12.78 -27.46 -12.87
CA LEU B 122 11.55 -28.11 -12.44
C LEU B 122 10.42 -27.09 -12.26
N ALA B 123 10.69 -25.95 -11.58
CA ALA B 123 9.70 -24.88 -11.32
C ALA B 123 9.07 -24.27 -12.61
N ASN B 124 9.64 -24.59 -13.78
CA ASN B 124 9.18 -24.08 -15.05
C ASN B 124 8.69 -25.20 -16.00
N THR B 125 9.07 -26.46 -15.75
CA THR B 125 8.60 -27.58 -16.57
C THR B 125 7.43 -28.34 -15.92
N CYS B 126 7.05 -28.00 -14.68
CA CYS B 126 5.96 -28.68 -13.97
C CYS B 126 4.57 -28.22 -14.49
N THR B 127 3.49 -28.69 -13.86
CA THR B 127 2.14 -28.26 -14.23
C THR B 127 1.95 -26.80 -13.85
N GLU B 128 0.95 -26.14 -14.44
CA GLU B 128 0.71 -24.73 -14.17
C GLU B 128 0.48 -24.44 -12.70
N ARG B 129 -0.30 -25.29 -12.00
CA ARG B 129 -0.54 -25.10 -10.57
C ARG B 129 0.77 -25.28 -9.73
N LEU B 130 1.66 -26.13 -10.20
CA LEU B 130 2.92 -26.33 -9.53
C LEU B 130 3.93 -25.21 -9.83
N LYS B 131 3.74 -24.49 -10.95
CA LYS B 131 4.56 -23.32 -11.29
C LYS B 131 4.22 -22.22 -10.26
N LEU B 132 2.93 -22.07 -9.87
CA LEU B 132 2.53 -21.06 -8.87
C LEU B 132 3.01 -21.45 -7.49
N PHE B 133 2.87 -22.73 -7.10
CA PHE B 133 3.36 -23.19 -5.81
C PHE B 133 4.89 -22.98 -5.71
N ALA B 134 5.64 -23.37 -6.78
CA ALA B 134 7.09 -23.19 -6.82
C ALA B 134 7.47 -21.69 -6.76
N ALA B 135 6.71 -20.82 -7.49
CA ALA B 135 6.96 -19.38 -7.51
C ALA B 135 6.77 -18.73 -6.14
N GLU B 136 5.73 -19.13 -5.37
CA GLU B 136 5.51 -18.58 -4.02
C GLU B 136 6.56 -19.14 -3.05
N THR B 137 6.85 -20.45 -3.17
CA THR B 137 7.77 -21.15 -2.28
C THR B 137 9.15 -20.53 -2.39
N LEU B 138 9.61 -20.29 -3.64
CA LEU B 138 10.90 -19.70 -3.96
C LEU B 138 10.95 -18.30 -3.42
N LYS B 139 9.91 -17.49 -3.66
CA LYS B 139 9.90 -16.10 -3.20
C LYS B 139 9.87 -15.98 -1.69
N ALA B 140 9.18 -16.89 -1.03
CA ALA B 140 9.13 -16.87 0.42
C ALA B 140 10.49 -17.30 0.99
N THR B 141 11.15 -18.29 0.36
CA THR B 141 12.50 -18.73 0.75
C THR B 141 13.51 -17.60 0.56
N GLU B 142 13.37 -16.85 -0.53
CA GLU B 142 14.26 -15.73 -0.81
C GLU B 142 14.12 -14.61 0.24
N GLU B 143 12.88 -14.35 0.75
CA GLU B 143 12.61 -13.30 1.74
C GLU B 143 13.16 -13.67 3.12
N THR B 144 12.90 -14.92 3.55
CA THR B 144 13.39 -15.46 4.84
C THR B 144 14.94 -15.53 4.86
N PHE B 145 15.56 -15.64 3.69
CA PHE B 145 16.98 -15.67 3.56
C PHE B 145 17.59 -14.27 3.83
N LYS B 146 16.87 -13.19 3.50
CA LYS B 146 17.37 -11.83 3.77
C LYS B 146 17.49 -11.56 5.26
N LEU B 147 16.73 -12.28 6.13
CA LEU B 147 16.74 -12.19 7.62
C LEU B 147 17.96 -12.89 8.21
N SER B 148 18.42 -14.00 7.55
CA SER B 148 19.62 -14.80 7.89
C SER B 148 20.84 -13.89 8.10
N TYR B 149 20.89 -12.83 7.30
CA TYR B 149 21.92 -11.83 7.36
C TYR B 149 21.82 -11.03 8.66
N GLY B 150 22.97 -10.65 9.18
CA GLY B 150 23.10 -9.85 10.37
C GLY B 150 22.93 -8.35 10.14
N ILE B 151 22.57 -7.62 11.20
CA ILE B 151 22.34 -6.18 11.25
C ILE B 151 23.64 -5.38 11.19
N ALA B 152 23.70 -4.39 10.27
CA ALA B 152 24.84 -3.49 10.08
C ALA B 152 24.59 -2.18 10.88
N THR B 153 25.52 -1.78 11.77
CA THR B 153 25.32 -0.58 12.58
C THR B 153 26.45 0.40 12.36
N VAL B 154 26.14 1.71 12.25
CA VAL B 154 27.15 2.78 12.09
C VAL B 154 27.99 2.88 13.39
N ARG B 155 29.31 2.68 13.26
CA ARG B 155 30.28 2.74 14.36
C ARG B 155 31.00 4.12 14.37
N GLU B 156 31.30 4.66 13.18
CA GLU B 156 31.99 5.92 13.05
C GLU B 156 31.56 6.54 11.74
N VAL B 157 31.04 7.77 11.77
CA VAL B 157 30.63 8.43 10.53
C VAL B 157 31.87 9.10 9.93
N LEU B 158 32.85 8.26 9.49
CA LEU B 158 34.15 8.60 8.92
C LEU B 158 34.16 9.92 8.12
N SER B 159 33.21 10.04 7.19
CA SER B 159 33.06 11.24 6.40
C SER B 159 31.65 11.23 5.76
N ASP B 160 31.47 12.03 4.72
CA ASP B 160 30.27 12.06 3.92
C ASP B 160 30.50 11.00 2.82
N ARG B 161 29.47 10.22 2.47
CA ARG B 161 29.55 9.14 1.48
C ARG B 161 30.35 7.90 1.97
N GLU B 162 31.06 7.98 3.11
CA GLU B 162 31.80 6.84 3.65
C GLU B 162 31.58 6.60 5.16
N LEU B 163 31.39 5.31 5.53
CA LEU B 163 31.10 4.86 6.90
C LEU B 163 32.08 3.79 7.50
N HIS B 164 31.85 3.41 8.76
CA HIS B 164 32.58 2.38 9.49
C HIS B 164 31.47 1.52 10.12
N LEU B 165 31.20 0.29 9.60
CA LEU B 165 30.12 -0.52 10.16
C LEU B 165 30.55 -1.60 11.17
N SER B 166 29.61 -1.95 12.08
CA SER B 166 29.74 -2.96 13.12
C SER B 166 28.69 -4.04 12.81
N TRP B 167 29.11 -5.29 12.56
CA TRP B 167 28.18 -6.35 12.17
C TRP B 167 27.71 -7.24 13.30
N GLU B 168 26.47 -7.74 13.19
CA GLU B 168 25.88 -8.64 14.18
C GLU B 168 26.62 -9.96 14.21
N VAL B 169 26.98 -10.41 15.42
CA VAL B 169 27.73 -11.65 15.66
C VAL B 169 26.81 -12.90 15.53
N GLY B 170 27.32 -13.95 14.89
CA GLY B 170 26.58 -15.18 14.73
C GLY B 170 25.67 -15.24 13.50
N LYS B 171 25.54 -14.12 12.77
CA LYS B 171 24.73 -14.07 11.56
C LYS B 171 25.63 -13.61 10.40
N PRO B 172 25.59 -14.31 9.23
CA PRO B 172 26.46 -13.92 8.10
C PRO B 172 26.27 -12.49 7.61
N ARG B 173 27.25 -11.97 6.85
CA ARG B 173 27.15 -10.60 6.32
C ARG B 173 26.80 -10.65 4.83
N PRO B 174 25.77 -9.90 4.42
CA PRO B 174 25.40 -9.88 2.99
C PRO B 174 26.41 -9.24 2.08
N PRO B 175 26.46 -9.68 0.80
CA PRO B 175 27.35 -9.05 -0.18
C PRO B 175 27.08 -7.55 -0.32
N LEU B 176 28.12 -6.77 -0.47
CA LEU B 176 27.97 -5.33 -0.58
C LEU B 176 28.02 -4.82 -2.03
N ASN B 177 26.85 -4.68 -2.70
CA ASN B 177 26.73 -4.18 -4.08
C ASN B 177 25.35 -3.54 -4.37
N ARG B 178 25.06 -3.12 -5.63
CA ARG B 178 23.78 -2.50 -5.96
C ARG B 178 22.60 -3.46 -5.85
N ASN B 179 22.84 -4.78 -6.04
CA ASN B 179 21.78 -5.80 -5.93
C ASN B 179 21.18 -5.84 -4.53
N TYR B 180 21.99 -5.55 -3.50
CA TYR B 180 21.56 -5.57 -2.10
C TYR B 180 21.19 -4.16 -1.60
N VAL B 181 19.87 -3.88 -1.42
CA VAL B 181 19.41 -2.59 -0.92
C VAL B 181 18.94 -2.67 0.54
N PHE B 182 19.69 -2.01 1.43
CA PHE B 182 19.52 -1.87 2.88
C PHE B 182 18.53 -0.79 3.21
N THR B 183 18.13 -0.69 4.47
CA THR B 183 17.21 0.34 4.91
C THR B 183 17.72 0.87 6.23
N GLY B 184 17.97 2.16 6.28
CA GLY B 184 18.44 2.79 7.50
C GLY B 184 17.33 2.94 8.51
N TYR B 185 17.69 2.95 9.80
CA TYR B 185 16.75 3.12 10.90
C TYR B 185 17.42 3.96 12.01
N ARG B 186 16.63 4.74 12.79
CA ARG B 186 17.15 5.54 13.92
C ARG B 186 16.50 5.10 15.25
N VAL B 187 17.34 4.88 16.29
CA VAL B 187 16.93 4.36 17.60
C VAL B 187 16.07 5.36 18.39
N THR B 188 14.72 5.38 18.18
CA THR B 188 13.80 6.32 18.87
C THR B 188 13.67 6.01 20.39
N LYS B 189 13.02 6.91 21.17
CA LYS B 189 12.79 6.74 22.60
C LYS B 189 12.35 5.31 22.99
N ASN B 190 11.50 4.64 22.15
CA ASN B 190 11.07 3.27 22.44
C ASN B 190 10.81 2.37 21.18
N SER B 191 11.22 2.81 19.96
CA SER B 191 11.09 2.00 18.74
C SER B 191 12.09 2.46 17.62
N LYS B 192 11.83 2.21 16.31
CA LYS B 192 12.74 2.57 15.22
C LYS B 192 12.07 3.36 14.05
N VAL B 193 12.66 4.51 13.69
CA VAL B 193 12.12 5.34 12.61
C VAL B 193 12.90 5.12 11.30
N GLN B 194 12.18 4.79 10.18
CA GLN B 194 12.77 4.55 8.85
C GLN B 194 13.56 5.79 8.38
N ILE B 195 14.78 5.57 7.90
CA ILE B 195 15.69 6.64 7.45
C ILE B 195 16.05 6.47 5.92
N GLY B 196 15.22 5.72 5.18
CA GLY B 196 15.37 5.52 3.75
C GLY B 196 16.19 4.33 3.32
N GLU B 197 16.14 3.96 2.02
CA GLU B 197 16.91 2.83 1.51
C GLU B 197 18.37 3.25 1.18
N TYR B 198 19.32 2.29 1.31
CA TYR B 198 20.75 2.52 1.12
C TYR B 198 21.44 1.34 0.44
N THR B 199 22.55 1.59 -0.26
CA THR B 199 23.38 0.52 -0.83
C THR B 199 24.84 0.77 -0.44
N PHE B 200 25.67 -0.27 -0.45
CA PHE B 200 27.06 -0.14 -0.01
C PHE B 200 28.12 -0.74 -1.00
N GLU B 201 29.40 -0.47 -0.73
CA GLU B 201 30.58 -0.89 -1.49
C GLU B 201 31.85 -0.68 -0.60
N LYS B 202 32.90 -1.52 -0.73
CA LYS B 202 34.16 -1.43 0.04
C LYS B 202 34.89 -0.07 -0.17
N GLY B 203 35.65 0.39 0.83
CA GLY B 203 36.37 1.65 0.74
C GLY B 203 37.89 1.50 0.63
N ALA B 208 35.59 -0.18 6.67
CA ALA B 208 35.54 1.00 5.83
C ALA B 208 34.60 0.79 4.63
N VAL B 209 33.41 1.42 4.65
CA VAL B 209 32.39 1.27 3.60
C VAL B 209 32.02 2.63 2.89
N VAL B 210 31.31 2.55 1.74
CA VAL B 210 30.91 3.67 0.89
C VAL B 210 29.37 3.63 0.65
N TYR B 211 28.58 4.54 1.29
CA TYR B 211 27.11 4.51 1.15
C TYR B 211 26.54 5.35 0.01
N ARG B 212 25.54 4.79 -0.69
CA ARG B 212 24.85 5.45 -1.80
C ARG B 212 23.33 5.36 -1.56
N GLY B 213 22.87 6.09 -0.56
CA GLY B 213 21.47 6.07 -0.17
C GLY B 213 20.53 6.79 -1.11
N THR B 214 19.29 6.25 -1.20
CA THR B 214 18.16 6.77 -1.97
C THR B 214 17.73 8.18 -1.47
N THR B 215 18.03 8.49 -0.20
CA THR B 215 17.74 9.79 0.39
C THR B 215 19.02 10.41 0.98
N THR B 216 18.99 11.73 1.22
CA THR B 216 20.13 12.45 1.77
C THR B 216 20.00 12.70 3.29
N TYR B 217 20.70 11.90 4.11
CA TYR B 217 20.64 12.06 5.56
C TYR B 217 22.02 12.31 6.17
N LYS B 218 22.06 12.99 7.31
CA LYS B 218 23.30 13.25 8.04
C LYS B 218 23.37 12.14 9.08
N LEU B 219 23.43 10.86 8.60
CA LEU B 219 23.43 9.68 9.46
C LEU B 219 24.46 9.76 10.58
N ASN B 220 23.99 9.50 11.78
CA ASN B 220 24.78 9.54 12.98
C ASN B 220 25.16 8.11 13.38
N VAL B 221 26.16 7.97 14.26
CA VAL B 221 26.60 6.67 14.78
C VAL B 221 25.42 5.99 15.53
N GLY B 222 25.25 4.68 15.38
CA GLY B 222 24.17 3.96 16.03
C GLY B 222 23.02 3.58 15.13
N ASP B 223 22.90 4.25 13.98
CA ASP B 223 21.85 3.94 13.01
C ASP B 223 22.17 2.59 12.39
N TYR B 224 21.14 1.80 12.10
CA TYR B 224 21.37 0.48 11.59
C TYR B 224 20.73 0.24 10.21
N PHE B 225 21.10 -0.86 9.56
CA PHE B 225 20.74 -1.21 8.20
C PHE B 225 20.33 -2.64 8.03
N VAL B 226 19.10 -2.87 7.59
CA VAL B 226 18.62 -4.24 7.35
C VAL B 226 18.02 -4.31 5.94
N LEU B 227 18.23 -5.43 5.24
CA LEU B 227 17.66 -5.65 3.91
C LEU B 227 16.16 -5.77 4.06
N THR B 228 15.37 -4.98 3.30
CA THR B 228 13.92 -4.99 3.47
C THR B 228 13.26 -6.18 2.80
N SER B 229 12.58 -6.95 3.63
CA SER B 229 11.83 -8.10 3.18
C SER B 229 10.35 -7.76 3.23
N HIS B 230 9.63 -8.17 2.20
CA HIS B 230 8.21 -7.94 2.12
C HIS B 230 7.46 -9.24 2.05
N THR B 231 6.23 -9.21 2.53
CA THR B 231 5.36 -10.39 2.59
C THR B 231 5.05 -10.91 1.18
N VAL B 232 5.14 -12.24 1.01
CA VAL B 232 4.84 -12.92 -0.25
C VAL B 232 3.36 -13.31 -0.21
N MET B 233 2.56 -12.79 -1.13
CA MET B 233 1.14 -13.12 -1.21
C MET B 233 0.93 -14.38 -2.02
N PRO B 234 -0.11 -15.16 -1.72
CA PRO B 234 -0.40 -16.36 -2.52
C PRO B 234 -0.80 -16.01 -3.96
N LEU B 235 -0.51 -16.94 -4.90
CA LEU B 235 -0.76 -16.75 -6.32
C LEU B 235 -2.03 -17.47 -6.70
N SER B 236 -2.85 -16.85 -7.56
CA SER B 236 -4.11 -17.44 -7.99
C SER B 236 -4.14 -17.66 -9.52
N ALA B 237 -3.80 -16.61 -10.30
CA ALA B 237 -3.81 -16.64 -11.77
C ALA B 237 -2.62 -17.39 -12.39
N PRO B 238 -2.80 -18.03 -13.59
CA PRO B 238 -1.65 -18.69 -14.25
C PRO B 238 -0.57 -17.70 -14.70
N THR B 239 0.66 -18.19 -14.98
CA THR B 239 1.77 -17.35 -15.48
C THR B 239 1.40 -16.83 -16.88
N LEU B 240 0.78 -17.72 -17.70
CA LEU B 240 0.22 -17.48 -19.03
C LEU B 240 -1.25 -17.91 -19.08
N VAL B 241 -2.13 -17.02 -19.54
CA VAL B 241 -3.53 -17.36 -19.80
C VAL B 241 -3.55 -18.35 -21.00
N PRO B 242 -4.66 -19.08 -21.25
CA PRO B 242 -4.66 -20.01 -22.41
C PRO B 242 -4.60 -19.23 -23.72
N GLN B 243 -3.76 -19.68 -24.67
CA GLN B 243 -3.63 -18.98 -25.94
C GLN B 243 -4.88 -19.07 -26.81
N GLU B 244 -5.20 -17.98 -27.51
CA GLU B 244 -6.30 -17.92 -28.46
C GLU B 244 -5.79 -17.33 -29.75
N HIS B 245 -6.13 -17.92 -30.89
CA HIS B 245 -5.75 -17.35 -32.18
C HIS B 245 -7.00 -16.93 -32.88
N TYR B 246 -7.00 -15.74 -33.43
CA TYR B 246 -8.18 -15.19 -34.09
C TYR B 246 -7.95 -15.09 -35.61
N VAL B 247 -9.05 -14.97 -36.33
CA VAL B 247 -9.03 -14.85 -37.78
C VAL B 247 -9.15 -13.37 -38.23
N ARG B 248 -9.41 -12.44 -37.30
CA ARG B 248 -9.50 -10.99 -37.50
C ARG B 248 -8.95 -10.29 -36.27
N ILE B 249 -8.55 -9.01 -36.39
CA ILE B 249 -8.19 -8.21 -35.21
C ILE B 249 -9.44 -8.11 -34.31
N THR B 250 -9.30 -8.53 -33.05
CA THR B 250 -10.41 -8.64 -32.12
C THR B 250 -10.45 -7.53 -31.04
N GLY B 251 -11.51 -6.74 -31.02
CA GLY B 251 -11.72 -5.70 -30.01
C GLY B 251 -10.84 -4.47 -30.09
N LEU B 252 -10.07 -4.38 -31.16
CA LEU B 252 -9.16 -3.28 -31.39
C LEU B 252 -9.50 -2.66 -32.74
N TYR B 253 -9.38 -1.33 -32.81
CA TYR B 253 -9.75 -0.61 -34.03
C TYR B 253 -8.53 0.21 -34.57
N PRO B 254 -7.91 -0.34 -35.65
CA PRO B 254 -6.71 0.27 -36.22
C PRO B 254 -6.90 1.60 -36.92
N THR B 255 -5.83 2.39 -36.93
CA THR B 255 -5.84 3.70 -37.53
C THR B 255 -5.82 3.62 -39.05
N LEU B 256 -6.29 4.69 -39.70
CA LEU B 256 -6.18 4.76 -41.16
C LEU B 256 -4.85 5.46 -41.52
N ASN B 257 -4.46 6.49 -40.76
CA ASN B 257 -3.26 7.23 -41.05
C ASN B 257 -2.29 7.01 -39.95
N ILE B 258 -1.19 6.33 -40.26
CA ILE B 258 -0.10 6.11 -39.32
C ILE B 258 1.14 6.83 -39.84
N SER B 259 2.00 7.32 -38.95
CA SER B 259 3.24 7.99 -39.39
C SER B 259 4.28 6.97 -39.88
N ASP B 260 5.15 7.39 -40.81
CA ASP B 260 6.23 6.55 -41.36
C ASP B 260 7.30 6.12 -40.32
N GLU B 261 7.23 6.68 -39.10
CA GLU B 261 8.07 6.33 -37.96
C GLU B 261 7.64 4.96 -37.37
N PHE B 262 6.35 4.57 -37.53
CA PHE B 262 5.81 3.31 -37.02
C PHE B 262 5.37 2.30 -38.05
N SER B 263 5.55 2.61 -39.35
CA SER B 263 5.14 1.75 -40.45
C SER B 263 5.83 0.38 -40.47
N SER B 264 7.04 0.29 -39.91
CA SER B 264 7.74 -1.01 -39.85
C SER B 264 7.06 -1.99 -38.91
N ASN B 265 6.25 -1.51 -37.97
CA ASN B 265 5.60 -2.40 -37.02
C ASN B 265 4.13 -2.64 -37.33
N VAL B 266 3.56 -2.12 -38.44
CA VAL B 266 2.15 -2.31 -38.75
C VAL B 266 1.74 -3.79 -38.85
N ALA B 267 2.55 -4.60 -39.54
CA ALA B 267 2.26 -6.02 -39.67
C ALA B 267 2.31 -6.74 -38.31
N ASN B 268 3.22 -6.29 -37.42
CA ASN B 268 3.35 -6.86 -36.07
C ASN B 268 2.22 -6.41 -35.14
N TYR B 269 1.75 -5.16 -35.28
CA TYR B 269 0.61 -4.63 -34.52
C TYR B 269 -0.66 -5.40 -34.86
N GLN B 270 -0.76 -5.89 -36.10
CA GLN B 270 -1.92 -6.66 -36.57
C GLN B 270 -1.88 -8.04 -35.98
N LYS B 271 -0.69 -8.66 -35.93
CA LYS B 271 -0.45 -9.96 -35.28
C LYS B 271 -0.92 -9.85 -33.79
N VAL B 272 -0.60 -8.72 -33.14
CA VAL B 272 -0.99 -8.40 -31.78
C VAL B 272 -2.52 -8.45 -31.59
N GLY B 273 -3.30 -7.99 -32.58
CA GLY B 273 -4.76 -8.01 -32.55
C GLY B 273 -5.39 -9.33 -32.94
N MET B 274 -4.61 -10.26 -33.50
CA MET B 274 -5.13 -11.57 -33.92
C MET B 274 -4.71 -12.80 -33.04
N GLN B 275 -4.38 -12.57 -31.79
CA GLN B 275 -4.09 -13.62 -30.81
C GLN B 275 -4.26 -13.06 -29.39
N LYS B 276 -4.49 -13.94 -28.38
CA LYS B 276 -4.75 -13.50 -27.01
C LYS B 276 -3.47 -12.87 -26.45
N TYR B 277 -2.34 -13.54 -26.63
CA TYR B 277 -1.05 -13.03 -26.19
C TYR B 277 -0.03 -13.25 -27.29
N SER B 278 0.93 -12.33 -27.34
CA SER B 278 1.98 -12.38 -28.34
C SER B 278 3.32 -12.05 -27.71
N THR B 279 4.37 -12.69 -28.19
CA THR B 279 5.71 -12.46 -27.69
C THR B 279 6.56 -11.65 -28.71
N LEU B 280 7.30 -10.66 -28.21
CA LEU B 280 8.18 -9.87 -29.05
C LEU B 280 9.63 -9.97 -28.55
N GLN B 281 10.53 -10.55 -29.38
CA GLN B 281 11.93 -10.57 -29.05
C GLN B 281 12.62 -9.37 -29.71
N GLY B 282 13.17 -8.53 -28.88
CA GLY B 282 13.87 -7.34 -29.34
C GLY B 282 15.28 -7.28 -28.82
N PRO B 283 16.22 -7.65 -29.68
CA PRO B 283 17.66 -7.50 -29.34
C PRO B 283 18.03 -6.04 -28.99
N PRO B 284 19.25 -5.80 -28.48
CA PRO B 284 19.65 -4.43 -28.14
C PRO B 284 19.51 -3.42 -29.30
N GLY B 285 18.87 -2.27 -29.03
CA GLY B 285 18.78 -1.16 -29.99
C GLY B 285 17.92 -1.41 -31.21
N THR B 286 17.01 -2.42 -31.17
CA THR B 286 16.12 -2.76 -32.29
C THR B 286 14.76 -2.02 -32.25
N GLY B 287 14.46 -1.27 -31.16
CA GLY B 287 13.24 -0.47 -31.04
C GLY B 287 12.06 -1.05 -30.26
N LYS B 288 12.33 -1.59 -29.08
CA LYS B 288 11.28 -2.16 -28.24
C LYS B 288 10.32 -1.09 -27.68
N SER B 289 10.87 -0.01 -27.10
CA SER B 289 10.04 1.07 -26.52
C SER B 289 9.21 1.76 -27.60
N HIS B 290 9.80 1.91 -28.79
CA HIS B 290 9.19 2.49 -29.96
C HIS B 290 7.99 1.62 -30.39
N PHE B 291 8.17 0.29 -30.43
CA PHE B 291 7.10 -0.65 -30.76
C PHE B 291 5.98 -0.54 -29.75
N ALA B 292 6.33 -0.53 -28.46
CA ALA B 292 5.36 -0.43 -27.42
C ALA B 292 4.52 0.86 -27.51
N ILE B 293 5.15 2.06 -27.64
CA ILE B 293 4.40 3.32 -27.71
C ILE B 293 3.60 3.43 -29.02
N GLY B 294 4.17 2.93 -30.10
CA GLY B 294 3.52 2.93 -31.41
C GLY B 294 2.30 2.03 -31.52
N LEU B 295 2.20 1.02 -30.64
CA LEU B 295 1.05 0.15 -30.61
C LEU B 295 -0.22 0.97 -30.22
N ALA B 296 -0.04 2.08 -29.44
CA ALA B 296 -1.11 2.98 -29.02
C ALA B 296 -1.54 3.90 -30.17
N LEU B 297 -0.59 4.33 -30.97
CA LEU B 297 -0.87 5.14 -32.14
C LEU B 297 -1.62 4.31 -33.22
N TYR B 298 -1.35 2.99 -33.28
CA TYR B 298 -2.01 2.11 -34.22
C TYR B 298 -3.42 1.72 -33.76
N TYR B 299 -3.66 1.52 -32.46
CA TYR B 299 -5.02 1.25 -31.94
C TYR B 299 -5.32 2.46 -31.05
N PRO B 300 -5.73 3.59 -31.68
CA PRO B 300 -5.81 4.85 -30.92
C PRO B 300 -6.90 4.96 -29.88
N SER B 301 -7.92 4.12 -29.97
CA SER B 301 -9.06 4.07 -29.05
C SER B 301 -8.81 3.13 -27.84
N ALA B 302 -7.94 2.12 -28.04
CA ALA B 302 -7.56 1.09 -27.07
C ALA B 302 -6.93 1.63 -25.79
N ARG B 303 -7.41 1.14 -24.64
CA ARG B 303 -6.85 1.49 -23.34
C ARG B 303 -5.66 0.54 -23.10
N ILE B 304 -4.44 1.10 -22.92
CA ILE B 304 -3.25 0.26 -22.76
C ILE B 304 -2.60 0.43 -21.42
N VAL B 305 -2.44 -0.69 -20.71
CA VAL B 305 -1.73 -0.69 -19.45
C VAL B 305 -0.31 -1.16 -19.73
N TYR B 306 0.68 -0.32 -19.43
CA TYR B 306 2.10 -0.53 -19.64
C TYR B 306 2.72 -0.93 -18.34
N THR B 307 3.36 -2.09 -18.29
CA THR B 307 3.92 -2.61 -17.07
C THR B 307 5.31 -3.21 -17.26
N ALA B 308 6.09 -3.24 -16.18
CA ALA B 308 7.44 -3.82 -16.07
C ALA B 308 7.76 -4.07 -14.58
N CYS B 309 8.78 -4.89 -14.27
CA CYS B 309 9.14 -5.17 -12.88
C CYS B 309 9.77 -3.97 -12.21
N SER B 310 10.72 -3.30 -12.90
CA SER B 310 11.44 -2.17 -12.33
C SER B 310 10.76 -0.82 -12.58
N HIS B 311 11.06 0.16 -11.71
CA HIS B 311 10.57 1.51 -11.89
C HIS B 311 11.27 2.15 -13.09
N ALA B 312 12.58 1.87 -13.29
CA ALA B 312 13.36 2.38 -14.42
C ALA B 312 12.74 1.97 -15.76
N ALA B 313 12.31 0.68 -15.90
CA ALA B 313 11.72 0.17 -17.13
C ALA B 313 10.38 0.83 -17.41
N VAL B 314 9.57 1.05 -16.36
CA VAL B 314 8.27 1.73 -16.49
C VAL B 314 8.48 3.22 -16.90
N ASP B 315 9.51 3.86 -16.31
CA ASP B 315 9.91 5.25 -16.56
C ASP B 315 10.44 5.42 -18.00
N ALA B 316 11.17 4.41 -18.52
CA ALA B 316 11.66 4.42 -19.89
C ALA B 316 10.43 4.37 -20.85
N LEU B 317 9.34 3.66 -20.48
CA LEU B 317 8.12 3.66 -21.28
C LEU B 317 7.37 5.04 -21.19
N CYS B 318 7.36 5.65 -20.01
CA CYS B 318 6.78 6.98 -19.78
C CYS B 318 7.52 8.01 -20.64
N GLU B 319 8.87 7.96 -20.69
CA GLU B 319 9.67 8.90 -21.48
C GLU B 319 9.29 8.84 -22.95
N LYS B 320 9.21 7.62 -23.53
CA LYS B 320 8.80 7.42 -24.91
C LYS B 320 7.32 7.79 -25.12
N ALA B 321 6.45 7.65 -24.11
CA ALA B 321 5.03 8.01 -24.24
C ALA B 321 4.84 9.51 -24.24
N LEU B 322 5.61 10.22 -23.41
CA LEU B 322 5.60 11.67 -23.26
C LEU B 322 5.91 12.37 -24.63
N LYS B 323 6.64 11.68 -25.54
CA LYS B 323 7.01 12.14 -26.87
C LYS B 323 5.92 11.91 -27.96
N TYR B 324 5.09 10.84 -27.86
CA TYR B 324 4.11 10.53 -28.91
C TYR B 324 2.62 10.54 -28.50
N LEU B 325 2.35 10.34 -27.22
CA LEU B 325 1.00 10.20 -26.71
C LEU B 325 0.53 11.43 -25.91
N PRO B 326 -0.77 11.78 -26.01
CA PRO B 326 -1.27 12.96 -25.27
C PRO B 326 -1.04 12.82 -23.76
N ILE B 327 -0.32 13.79 -23.13
CA ILE B 327 0.01 13.76 -21.70
C ILE B 327 -1.23 13.67 -20.80
N ASP B 328 -2.34 14.30 -21.20
CA ASP B 328 -3.61 14.32 -20.48
C ASP B 328 -4.33 12.96 -20.46
N LYS B 329 -3.86 11.99 -21.30
CA LYS B 329 -4.37 10.62 -21.41
C LYS B 329 -3.46 9.59 -20.72
N CYS B 330 -2.42 10.03 -19.99
CA CYS B 330 -1.45 9.21 -19.28
C CYS B 330 -1.49 9.35 -17.76
N SER B 331 -1.11 8.27 -17.09
CA SER B 331 -1.02 8.27 -15.64
C SER B 331 0.07 7.32 -15.15
N ARG B 332 0.96 7.81 -14.28
CA ARG B 332 2.01 6.98 -13.71
C ARG B 332 1.56 6.55 -12.30
N ILE B 333 1.25 5.24 -12.10
CA ILE B 333 0.78 4.72 -10.81
C ILE B 333 1.96 4.48 -9.89
N ILE B 334 1.97 5.17 -8.74
CA ILE B 334 3.04 5.08 -7.74
C ILE B 334 2.45 4.51 -6.46
N PRO B 335 3.08 3.43 -5.91
CA PRO B 335 2.56 2.87 -4.63
C PRO B 335 2.77 3.86 -3.48
N ALA B 336 1.85 3.91 -2.51
CA ALA B 336 2.00 4.85 -1.38
C ALA B 336 3.26 4.56 -0.58
N VAL B 340 10.81 5.77 -3.17
CA VAL B 340 11.52 5.67 -4.45
C VAL B 340 11.15 6.80 -5.45
N GLU B 341 12.16 7.48 -6.04
CA GLU B 341 11.89 8.55 -7.00
C GLU B 341 11.74 8.04 -8.44
N CYS B 342 10.60 8.35 -9.07
CA CYS B 342 10.32 7.88 -10.43
C CYS B 342 9.74 9.02 -11.33
N PHE B 343 9.11 8.69 -12.48
CA PHE B 343 8.55 9.62 -13.45
C PHE B 343 7.48 10.56 -12.86
N ASP B 344 7.67 11.90 -12.96
CA ASP B 344 6.69 12.81 -12.36
C ASP B 344 6.04 13.77 -13.33
N LYS B 345 5.86 13.34 -14.59
CA LYS B 345 5.24 14.25 -15.56
C LYS B 345 3.77 13.89 -15.88
N PHE B 346 3.28 12.70 -15.48
CA PHE B 346 1.88 12.32 -15.75
C PHE B 346 1.02 12.57 -14.50
N LYS B 347 -0.34 12.59 -14.64
CA LYS B 347 -1.18 12.71 -13.44
C LYS B 347 -1.02 11.43 -12.62
N VAL B 348 -0.63 11.55 -11.33
CA VAL B 348 -0.33 10.39 -10.48
C VAL B 348 -1.55 9.68 -9.90
N ASN B 349 -1.56 8.34 -10.04
CA ASN B 349 -2.54 7.39 -9.50
C ASN B 349 -3.95 7.52 -10.08
N SER B 350 -4.09 8.04 -11.31
CA SER B 350 -5.40 8.12 -11.96
C SER B 350 -5.57 6.82 -12.76
N THR B 351 -6.04 5.76 -12.07
CA THR B 351 -6.26 4.40 -12.58
C THR B 351 -7.07 4.33 -13.89
N LEU B 352 -8.01 5.27 -14.11
CA LEU B 352 -8.88 5.20 -15.29
C LEU B 352 -8.42 5.98 -16.53
N GLU B 353 -7.17 6.46 -16.52
CA GLU B 353 -6.60 7.14 -17.68
C GLU B 353 -6.41 6.11 -18.80
N GLN B 354 -6.56 6.52 -20.08
CA GLN B 354 -6.39 5.59 -21.19
C GLN B 354 -5.03 4.85 -21.17
N TYR B 355 -3.95 5.53 -20.79
CA TYR B 355 -2.61 4.95 -20.73
C TYR B 355 -2.11 4.95 -19.31
N VAL B 356 -1.92 3.76 -18.76
CA VAL B 356 -1.50 3.57 -17.36
C VAL B 356 -0.12 2.93 -17.30
N PHE B 357 0.83 3.58 -16.68
CA PHE B 357 2.20 3.09 -16.58
C PHE B 357 2.40 2.75 -15.12
N CYS B 358 2.74 1.50 -14.81
CA CYS B 358 2.84 1.06 -13.44
C CYS B 358 3.75 -0.18 -13.30
N THR B 359 4.46 -0.32 -12.15
CA THR B 359 5.25 -1.53 -11.93
C THR B 359 4.31 -2.71 -11.59
N VAL B 360 4.78 -3.95 -11.79
CA VAL B 360 3.98 -5.13 -11.49
C VAL B 360 3.45 -5.17 -10.04
N ASN B 361 4.30 -4.92 -9.01
CA ASN B 361 3.81 -5.03 -7.62
C ASN B 361 2.85 -3.89 -7.23
N ALA B 362 2.77 -2.82 -8.02
CA ALA B 362 1.85 -1.73 -7.71
C ALA B 362 0.53 -1.76 -8.52
N LEU B 363 0.36 -2.75 -9.41
CA LEU B 363 -0.80 -2.85 -10.28
C LEU B 363 -2.13 -2.91 -9.55
N PRO B 364 -3.06 -2.03 -9.93
CA PRO B 364 -4.41 -2.12 -9.39
C PRO B 364 -5.23 -3.20 -10.11
N GLU B 365 -6.41 -3.50 -9.56
CA GLU B 365 -7.30 -4.47 -10.17
C GLU B 365 -8.12 -3.73 -11.18
N THR B 366 -7.87 -4.03 -12.45
CA THR B 366 -8.51 -3.36 -13.59
C THR B 366 -8.49 -4.23 -14.88
N THR B 367 -9.15 -3.74 -15.93
CA THR B 367 -9.19 -4.36 -17.23
C THR B 367 -8.52 -3.43 -18.29
N ALA B 368 -8.16 -3.99 -19.44
CA ALA B 368 -7.52 -3.24 -20.52
C ALA B 368 -7.78 -3.88 -21.87
N ASP B 369 -7.65 -3.07 -22.93
CA ASP B 369 -7.77 -3.57 -24.28
C ASP B 369 -6.46 -4.31 -24.61
N ILE B 370 -5.32 -3.74 -24.22
CA ILE B 370 -4.00 -4.32 -24.36
C ILE B 370 -3.20 -4.11 -23.08
N VAL B 371 -2.46 -5.12 -22.69
CA VAL B 371 -1.51 -5.01 -21.61
C VAL B 371 -0.14 -5.20 -22.27
N VAL B 372 0.81 -4.29 -22.06
CA VAL B 372 2.17 -4.43 -22.60
C VAL B 372 3.07 -4.67 -21.39
N PHE B 373 3.74 -5.82 -21.32
CA PHE B 373 4.69 -6.16 -20.25
C PHE B 373 6.09 -6.11 -20.89
N ASP B 374 6.91 -5.15 -20.49
CA ASP B 374 8.25 -4.95 -21.03
C ASP B 374 9.34 -5.59 -20.15
N GLU B 375 10.55 -5.73 -20.70
CA GLU B 375 11.75 -6.32 -20.08
C GLU B 375 11.41 -7.71 -19.53
N ILE B 376 10.83 -8.56 -20.40
CA ILE B 376 10.32 -9.88 -20.03
C ILE B 376 11.40 -10.86 -19.54
N SER B 377 12.68 -10.73 -19.93
CA SER B 377 13.73 -11.63 -19.40
C SER B 377 13.91 -11.44 -17.89
N MET B 378 13.66 -10.19 -17.39
CA MET B 378 13.76 -9.80 -15.98
C MET B 378 12.59 -10.27 -15.08
N ALA B 379 11.48 -10.74 -15.67
CA ALA B 379 10.34 -11.18 -14.89
C ALA B 379 10.54 -12.60 -14.37
N THR B 380 9.90 -12.91 -13.22
CA THR B 380 9.81 -14.23 -12.62
C THR B 380 8.37 -14.74 -12.88
N ASN B 381 8.13 -16.04 -12.63
CA ASN B 381 6.77 -16.57 -12.77
C ASN B 381 5.80 -15.96 -11.75
N TYR B 382 6.35 -15.45 -10.61
CA TYR B 382 5.59 -14.76 -9.61
C TYR B 382 5.01 -13.48 -10.24
N ASP B 383 5.85 -12.69 -10.92
CA ASP B 383 5.44 -11.47 -11.61
C ASP B 383 4.42 -11.78 -12.73
N LEU B 384 4.70 -12.82 -13.54
CA LEU B 384 3.79 -13.29 -14.60
C LEU B 384 2.39 -13.58 -14.08
N SER B 385 2.30 -14.29 -12.96
CA SER B 385 1.04 -14.65 -12.32
C SER B 385 0.30 -13.43 -11.77
N VAL B 386 1.04 -12.51 -11.10
CA VAL B 386 0.48 -11.31 -10.50
C VAL B 386 -0.18 -10.41 -11.56
N VAL B 387 0.49 -10.25 -12.72
CA VAL B 387 -0.05 -9.47 -13.82
C VAL B 387 -1.38 -10.07 -14.31
N ASN B 388 -1.48 -11.41 -14.39
CA ASN B 388 -2.71 -12.04 -14.86
C ASN B 388 -3.85 -11.96 -13.82
N ALA B 389 -3.51 -11.82 -12.53
CA ALA B 389 -4.51 -11.71 -11.46
C ALA B 389 -5.02 -10.29 -11.30
N ARG B 390 -4.15 -9.29 -11.52
CA ARG B 390 -4.52 -7.89 -11.38
C ARG B 390 -5.19 -7.31 -12.64
N LEU B 391 -4.79 -7.78 -13.86
CA LEU B 391 -5.26 -7.28 -15.16
C LEU B 391 -6.00 -8.30 -16.02
N ARG B 392 -7.24 -7.97 -16.42
CA ARG B 392 -8.01 -8.82 -17.34
C ARG B 392 -8.02 -8.07 -18.71
N ALA B 393 -7.33 -8.62 -19.73
CA ALA B 393 -7.20 -7.94 -21.00
C ALA B 393 -7.65 -8.71 -22.26
N LYS B 394 -8.00 -7.98 -23.35
CA LYS B 394 -8.34 -8.60 -24.62
C LYS B 394 -7.03 -9.19 -25.23
N HIS B 395 -5.89 -8.44 -25.09
CA HIS B 395 -4.59 -8.83 -25.62
C HIS B 395 -3.48 -8.54 -24.66
N TYR B 396 -2.48 -9.42 -24.61
CA TYR B 396 -1.30 -9.27 -23.77
C TYR B 396 -0.05 -9.30 -24.65
N VAL B 397 0.85 -8.32 -24.51
CA VAL B 397 2.09 -8.30 -25.29
C VAL B 397 3.29 -8.37 -24.38
N TYR B 398 4.14 -9.37 -24.56
CA TYR B 398 5.31 -9.56 -23.75
C TYR B 398 6.50 -9.19 -24.56
N ILE B 399 7.18 -8.11 -24.19
CA ILE B 399 8.34 -7.58 -24.88
C ILE B 399 9.61 -7.76 -24.04
N GLY B 400 10.67 -8.24 -24.69
CA GLY B 400 11.94 -8.48 -24.02
C GLY B 400 12.88 -9.24 -24.93
N ASP B 401 13.87 -9.90 -24.34
CA ASP B 401 14.86 -10.63 -25.13
C ASP B 401 15.45 -11.69 -24.23
N PRO B 402 15.18 -13.02 -24.49
CA PRO B 402 15.77 -14.07 -23.63
C PRO B 402 17.28 -14.20 -23.77
N ALA B 403 17.91 -13.46 -24.69
CA ALA B 403 19.36 -13.40 -24.82
C ALA B 403 19.97 -12.30 -23.93
N GLN B 404 19.15 -11.63 -23.12
CA GLN B 404 19.57 -10.63 -22.17
C GLN B 404 19.43 -11.18 -20.73
N LEU B 405 19.81 -10.36 -19.76
CA LEU B 405 19.87 -10.79 -18.39
C LEU B 405 18.48 -11.04 -17.71
N PRO B 406 18.45 -12.13 -16.90
CA PRO B 406 17.24 -12.46 -16.14
C PRO B 406 17.26 -11.78 -14.77
N ALA B 407 16.20 -11.99 -13.97
CA ALA B 407 16.12 -11.49 -12.59
C ALA B 407 17.20 -12.19 -11.80
N PRO B 408 17.88 -11.48 -10.90
CA PRO B 408 18.90 -12.15 -10.07
C PRO B 408 18.27 -13.23 -9.22
N ARG B 409 18.85 -14.42 -9.23
CA ARG B 409 18.36 -15.51 -8.40
C ARG B 409 19.33 -15.64 -7.25
N THR B 410 19.11 -14.83 -6.20
CA THR B 410 19.98 -14.74 -5.02
C THR B 410 20.30 -16.08 -4.35
N LEU B 411 19.37 -17.05 -4.35
CA LEU B 411 19.64 -18.34 -3.73
C LEU B 411 20.42 -19.28 -4.63
N LEU B 412 20.36 -19.10 -5.96
CA LEU B 412 21.02 -19.99 -6.91
C LEU B 412 22.55 -19.82 -6.94
N THR B 413 23.27 -20.89 -6.55
CA THR B 413 24.74 -20.90 -6.52
C THR B 413 25.35 -22.05 -7.33
N LYS B 414 24.60 -23.12 -7.57
CA LYS B 414 25.10 -24.29 -8.27
C LYS B 414 24.37 -24.52 -9.58
N GLY B 415 25.08 -24.34 -10.67
CA GLY B 415 24.51 -24.54 -11.99
C GLY B 415 24.17 -23.24 -12.67
N THR B 416 23.95 -23.29 -13.98
CA THR B 416 23.60 -22.10 -14.75
C THR B 416 22.16 -22.23 -15.24
N LEU B 417 21.38 -21.17 -15.04
CA LEU B 417 19.99 -21.11 -15.46
C LEU B 417 19.87 -20.73 -16.94
N GLU B 418 19.46 -21.67 -17.81
CA GLU B 418 19.32 -21.34 -19.22
C GLU B 418 18.09 -20.44 -19.51
N PRO B 419 18.15 -19.58 -20.60
CA PRO B 419 17.02 -18.67 -20.93
C PRO B 419 15.62 -19.28 -21.01
N GLU B 420 15.51 -20.54 -21.47
CA GLU B 420 14.22 -21.22 -21.51
C GLU B 420 13.65 -21.50 -20.11
N TYR B 421 14.38 -21.18 -19.04
CA TYR B 421 13.94 -21.40 -17.69
C TYR B 421 13.78 -20.10 -16.88
N PHE B 422 13.98 -18.91 -17.51
CA PHE B 422 13.87 -17.62 -16.84
C PHE B 422 12.46 -17.45 -16.37
N ASN B 423 11.50 -17.68 -17.25
CA ASN B 423 10.06 -17.62 -16.93
C ASN B 423 9.29 -18.35 -18.04
N SER B 424 7.94 -18.37 -17.95
CA SER B 424 7.11 -19.07 -18.92
C SER B 424 7.16 -18.44 -20.32
N VAL B 425 7.27 -17.10 -20.37
CA VAL B 425 7.33 -16.36 -21.62
C VAL B 425 8.64 -16.67 -22.33
N CYS B 426 9.75 -16.65 -21.58
CA CYS B 426 11.07 -16.98 -22.10
C CYS B 426 11.13 -18.42 -22.52
N ARG B 427 10.47 -19.33 -21.77
CA ARG B 427 10.41 -20.75 -22.15
C ARG B 427 9.75 -20.86 -23.54
N LEU B 428 8.65 -20.13 -23.75
CA LEU B 428 8.00 -20.09 -25.04
C LEU B 428 8.89 -19.52 -26.16
N MET B 429 9.55 -18.36 -25.94
CA MET B 429 10.42 -17.75 -26.96
C MET B 429 11.59 -18.67 -27.38
N LYS B 430 12.06 -19.52 -26.47
CA LYS B 430 13.19 -20.40 -26.76
C LYS B 430 12.75 -21.73 -27.37
N THR B 431 11.55 -22.21 -27.02
CA THR B 431 11.09 -23.51 -27.51
C THR B 431 10.32 -23.37 -28.85
N ILE B 432 9.18 -22.65 -28.87
CA ILE B 432 8.36 -22.46 -30.09
C ILE B 432 8.72 -21.21 -30.91
N GLY B 433 9.70 -20.41 -30.42
CA GLY B 433 10.11 -19.16 -31.04
C GLY B 433 9.22 -17.97 -30.66
N PRO B 434 9.74 -16.73 -30.80
CA PRO B 434 8.89 -15.57 -30.51
C PRO B 434 7.94 -15.27 -31.67
N ASP B 435 6.78 -14.71 -31.36
CA ASP B 435 5.81 -14.37 -32.41
C ASP B 435 6.35 -13.27 -33.32
N MET B 436 7.04 -12.30 -32.71
CA MET B 436 7.58 -11.17 -33.43
C MET B 436 9.03 -10.97 -33.08
N PHE B 437 9.81 -10.43 -34.03
CA PHE B 437 11.22 -10.20 -33.83
C PHE B 437 11.64 -8.91 -34.50
N LEU B 438 12.31 -7.99 -33.74
CA LEU B 438 12.85 -6.75 -34.28
C LEU B 438 14.27 -7.09 -34.76
N GLY B 439 14.40 -7.18 -36.09
CA GLY B 439 15.63 -7.66 -36.71
C GLY B 439 16.71 -6.68 -37.04
N THR B 440 16.49 -5.37 -36.83
CA THR B 440 17.55 -4.42 -37.18
C THR B 440 18.03 -3.64 -35.99
N CYS B 441 19.30 -3.83 -35.65
CA CYS B 441 19.93 -3.12 -34.55
C CYS B 441 20.42 -1.77 -35.06
N ARG B 442 19.89 -0.69 -34.52
CA ARG B 442 20.28 0.67 -34.93
C ARG B 442 21.36 1.30 -34.05
N ARG B 443 21.78 0.62 -32.99
CA ARG B 443 22.73 1.18 -32.07
C ARG B 443 24.20 0.88 -32.37
N CYS B 444 24.50 -0.39 -32.62
CA CYS B 444 25.88 -0.85 -32.59
C CYS B 444 26.61 -0.83 -33.92
N PRO B 445 27.96 -0.62 -33.83
CA PRO B 445 28.82 -0.79 -35.02
C PRO B 445 28.66 -2.22 -35.54
N ALA B 446 28.67 -2.43 -36.85
CA ALA B 446 28.47 -3.76 -37.43
C ALA B 446 29.34 -4.87 -36.79
N GLU B 447 30.62 -4.64 -36.37
CA GLU B 447 31.46 -5.67 -35.70
C GLU B 447 30.75 -6.32 -34.50
N ILE B 448 30.09 -5.47 -33.68
CA ILE B 448 29.33 -5.87 -32.50
C ILE B 448 28.05 -6.59 -32.91
N VAL B 449 27.31 -6.04 -33.90
CA VAL B 449 26.07 -6.67 -34.33
C VAL B 449 26.34 -8.08 -34.90
N ASP B 450 27.42 -8.23 -35.68
CA ASP B 450 27.79 -9.50 -36.30
C ASP B 450 28.21 -10.55 -35.26
N THR B 451 28.81 -10.11 -34.14
CA THR B 451 29.22 -11.02 -33.09
C THR B 451 28.04 -11.59 -32.29
N VAL B 452 27.14 -10.71 -31.78
CA VAL B 452 26.01 -11.13 -30.98
C VAL B 452 24.98 -11.84 -31.85
N SER B 453 24.82 -11.43 -33.12
CA SER B 453 23.92 -12.10 -34.06
C SER B 453 24.28 -13.61 -34.18
N ALA B 454 25.59 -13.94 -34.32
CA ALA B 454 26.03 -15.33 -34.40
C ALA B 454 25.98 -16.02 -33.04
N LEU B 455 26.35 -15.30 -32.00
CA LEU B 455 26.39 -15.82 -30.63
C LEU B 455 25.05 -16.22 -30.02
N VAL B 456 24.04 -15.33 -30.08
CA VAL B 456 22.78 -15.59 -29.39
C VAL B 456 21.49 -15.45 -30.26
N TYR B 457 21.59 -14.94 -31.52
CA TYR B 457 20.39 -14.69 -32.36
C TYR B 457 20.29 -15.52 -33.63
N ASP B 458 21.04 -16.65 -33.74
CA ASP B 458 21.03 -17.53 -34.94
C ASP B 458 21.19 -16.73 -36.27
N ASN B 459 22.12 -15.77 -36.32
CA ASN B 459 22.42 -14.94 -37.49
C ASN B 459 21.22 -14.18 -38.05
N LYS B 460 20.21 -13.87 -37.22
CA LYS B 460 19.04 -13.14 -37.68
C LYS B 460 19.05 -11.66 -37.35
N LEU B 461 20.02 -11.19 -36.55
CA LEU B 461 20.09 -9.77 -36.21
C LEU B 461 20.96 -9.06 -37.25
N LYS B 462 20.42 -8.01 -37.90
CA LYS B 462 21.09 -7.27 -38.95
C LYS B 462 21.62 -5.89 -38.48
N ALA B 463 22.74 -5.44 -39.04
CA ALA B 463 23.34 -4.15 -38.64
C ALA B 463 22.85 -3.03 -39.50
N HIS B 464 22.33 -1.97 -38.87
CA HIS B 464 21.93 -0.79 -39.60
C HIS B 464 23.22 0.09 -39.80
N LYS B 465 24.05 0.24 -38.76
CA LYS B 465 25.31 0.98 -38.88
C LYS B 465 26.34 0.16 -39.69
N ASP B 466 27.35 0.86 -40.22
CA ASP B 466 28.50 0.23 -40.88
C ASP B 466 29.48 -0.24 -39.74
N LYS B 467 30.58 -0.92 -40.10
CA LYS B 467 31.62 -1.26 -39.16
C LYS B 467 32.30 0.06 -38.77
N SER B 468 32.45 0.31 -37.48
CA SER B 468 33.06 1.53 -36.99
C SER B 468 34.58 1.54 -37.11
N ALA B 469 35.21 0.35 -37.18
CA ALA B 469 36.67 0.11 -37.11
C ALA B 469 37.28 0.59 -35.78
N GLN B 470 36.46 0.62 -34.74
CA GLN B 470 36.82 1.04 -33.40
C GLN B 470 36.41 -0.04 -32.39
N CYS B 471 36.44 -1.33 -32.78
CA CYS B 471 36.08 -2.42 -31.89
C CYS B 471 37.33 -3.29 -31.78
N PHE B 472 37.92 -3.36 -30.57
CA PHE B 472 39.17 -4.06 -30.29
C PHE B 472 39.04 -5.15 -29.25
N LYS B 473 39.88 -6.16 -29.38
CA LYS B 473 39.90 -7.28 -28.47
C LYS B 473 41.35 -7.65 -28.12
N MET B 474 41.62 -7.89 -26.84
N MET B 474 41.60 -7.92 -26.85
CA MET B 474 42.93 -8.32 -26.39
CA MET B 474 42.92 -8.31 -26.37
C MET B 474 42.75 -9.51 -25.50
C MET B 474 42.74 -9.51 -25.49
N PHE B 475 43.62 -10.49 -25.66
CA PHE B 475 43.57 -11.67 -24.84
C PHE B 475 44.65 -11.49 -23.73
N TYR B 476 44.21 -11.17 -22.51
CA TYR B 476 45.11 -10.93 -21.39
C TYR B 476 44.51 -11.50 -20.08
N LYS B 477 45.02 -12.64 -19.61
CA LYS B 477 44.49 -13.25 -18.37
C LYS B 477 44.83 -12.47 -17.08
N GLY B 478 45.96 -11.77 -17.07
CA GLY B 478 46.36 -10.96 -15.92
C GLY B 478 46.50 -11.75 -14.65
N VAL B 479 46.07 -11.15 -13.52
CA VAL B 479 46.14 -11.73 -12.18
C VAL B 479 44.80 -11.54 -11.47
N ILE B 480 44.17 -12.63 -11.04
CA ILE B 480 42.89 -12.54 -10.37
C ILE B 480 43.05 -12.50 -8.85
N THR B 481 42.54 -11.43 -8.25
CA THR B 481 42.48 -11.28 -6.81
C THR B 481 40.99 -11.38 -6.40
N HIS B 482 40.76 -12.01 -5.23
CA HIS B 482 39.43 -12.24 -4.68
C HIS B 482 39.29 -11.56 -3.37
N ASP B 483 38.16 -10.88 -3.17
CA ASP B 483 37.85 -10.36 -1.87
C ASP B 483 36.69 -11.25 -1.31
N VAL B 484 35.82 -10.71 -0.44
CA VAL B 484 34.79 -11.52 0.20
C VAL B 484 33.71 -12.07 -0.77
N SER B 485 33.34 -11.31 -1.82
CA SER B 485 32.27 -11.74 -2.72
C SER B 485 32.43 -11.23 -4.17
N SER B 486 33.65 -10.80 -4.55
CA SER B 486 33.86 -10.26 -5.89
C SER B 486 35.30 -10.54 -6.39
N ALA B 487 35.57 -10.27 -7.69
CA ALA B 487 36.89 -10.43 -8.29
C ALA B 487 37.48 -9.09 -8.78
N ILE B 488 38.80 -9.02 -8.76
CA ILE B 488 39.58 -7.91 -9.23
C ILE B 488 40.69 -8.50 -10.16
N ASN B 489 41.03 -7.75 -11.21
CA ASN B 489 42.11 -8.04 -12.12
C ASN B 489 42.80 -6.70 -12.41
N ARG B 490 43.76 -6.32 -11.52
CA ARG B 490 44.54 -5.08 -11.66
C ARG B 490 45.38 -5.05 -12.95
N PRO B 491 46.05 -6.15 -13.34
CA PRO B 491 46.78 -6.13 -14.63
C PRO B 491 45.88 -5.84 -15.85
N GLN B 492 44.58 -6.29 -15.88
CA GLN B 492 43.67 -5.93 -16.99
C GLN B 492 43.31 -4.44 -16.97
N ILE B 493 43.18 -3.83 -15.77
CA ILE B 493 42.98 -2.38 -15.62
C ILE B 493 44.28 -1.63 -16.02
N GLY B 494 45.43 -2.24 -15.79
CA GLY B 494 46.72 -1.67 -16.18
C GLY B 494 46.86 -1.63 -17.68
N VAL B 495 46.43 -2.70 -18.35
CA VAL B 495 46.41 -2.78 -19.81
C VAL B 495 45.49 -1.63 -20.38
N VAL B 496 44.34 -1.35 -19.71
CA VAL B 496 43.40 -0.28 -20.10
C VAL B 496 44.03 1.09 -19.91
N ARG B 497 44.78 1.26 -18.83
CA ARG B 497 45.51 2.49 -18.54
C ARG B 497 46.53 2.79 -19.65
N GLU B 498 47.33 1.77 -20.10
CA GLU B 498 48.31 1.94 -21.19
C GLU B 498 47.61 2.23 -22.51
N PHE B 499 46.44 1.58 -22.76
CA PHE B 499 45.65 1.82 -23.97
C PHE B 499 45.16 3.28 -23.99
N LEU B 500 44.65 3.79 -22.85
CA LEU B 500 44.12 5.15 -22.72
C LEU B 500 45.16 6.23 -23.01
N THR B 501 46.42 6.05 -22.58
CA THR B 501 47.47 7.03 -22.82
C THR B 501 47.70 7.18 -24.33
N ARG B 502 47.75 6.04 -25.03
CA ARG B 502 47.92 6.02 -26.46
C ARG B 502 46.66 6.41 -27.27
N ASN B 503 45.43 6.32 -26.67
CA ASN B 503 44.10 6.57 -27.28
C ASN B 503 43.25 7.51 -26.43
N PRO B 504 43.69 8.76 -26.22
CA PRO B 504 42.93 9.68 -25.35
C PRO B 504 41.48 9.95 -25.76
N ALA B 505 41.07 9.71 -27.03
CA ALA B 505 39.65 9.88 -27.43
C ALA B 505 38.74 8.96 -26.58
N TRP B 506 39.29 7.81 -26.15
CA TRP B 506 38.62 6.83 -25.32
C TRP B 506 38.48 7.26 -23.85
N ARG B 507 38.90 8.48 -23.48
CA ARG B 507 38.75 8.94 -22.12
C ARG B 507 37.27 9.29 -21.83
N LYS B 508 36.40 9.37 -22.85
CA LYS B 508 34.94 9.53 -22.65
C LYS B 508 34.20 8.15 -22.56
N ALA B 509 34.96 7.05 -22.46
CA ALA B 509 34.38 5.73 -22.38
C ALA B 509 33.85 5.42 -20.97
N VAL B 510 32.88 4.50 -20.92
CA VAL B 510 32.30 3.89 -19.73
C VAL B 510 33.00 2.57 -19.53
N PHE B 511 33.55 2.34 -18.33
CA PHE B 511 34.21 1.09 -17.94
C PHE B 511 33.13 0.09 -17.46
N ILE B 512 33.10 -1.10 -18.06
CA ILE B 512 32.16 -2.14 -17.68
C ILE B 512 32.94 -3.44 -17.36
N SER B 513 32.48 -4.16 -16.34
CA SER B 513 33.06 -5.46 -15.95
C SER B 513 31.99 -6.28 -15.26
N PRO B 514 32.18 -7.60 -15.14
CA PRO B 514 31.17 -8.42 -14.46
C PRO B 514 31.19 -8.34 -12.92
N TYR B 515 32.14 -7.56 -12.32
CA TYR B 515 32.30 -7.46 -10.85
C TYR B 515 32.34 -6.04 -10.36
N ASN B 516 31.63 -5.77 -9.27
CA ASN B 516 31.63 -4.43 -8.70
C ASN B 516 32.98 -4.07 -8.04
N SER B 517 33.76 -5.06 -7.57
CA SER B 517 35.09 -4.81 -7.01
C SER B 517 36.07 -4.46 -8.08
N GLN B 518 35.98 -5.08 -9.26
CA GLN B 518 36.84 -4.72 -10.38
C GLN B 518 36.53 -3.24 -10.78
N ASN B 519 35.23 -2.87 -10.84
CA ASN B 519 34.73 -1.54 -11.15
C ASN B 519 35.17 -0.47 -10.14
N ALA B 520 35.32 -0.84 -8.88
CA ALA B 520 35.72 0.08 -7.82
C ALA B 520 37.21 0.46 -7.97
N VAL B 521 38.04 -0.57 -8.28
CA VAL B 521 39.46 -0.41 -8.52
C VAL B 521 39.66 0.42 -9.80
N ALA B 522 38.90 0.11 -10.88
CA ALA B 522 39.01 0.83 -12.15
C ALA B 522 38.60 2.31 -12.04
N SER B 523 37.64 2.63 -11.13
CA SER B 523 37.19 4.00 -10.96
C SER B 523 38.30 4.91 -10.41
N LYS B 524 39.13 4.36 -9.52
CA LYS B 524 40.21 5.14 -8.91
C LYS B 524 41.47 5.21 -9.80
N ILE B 525 41.80 4.13 -10.52
CA ILE B 525 42.97 4.09 -11.40
C ILE B 525 42.75 4.78 -12.77
N LEU B 526 41.54 4.61 -13.35
CA LEU B 526 41.24 5.17 -14.67
C LEU B 526 40.47 6.48 -14.63
N GLY B 527 39.64 6.68 -13.62
CA GLY B 527 38.80 7.85 -13.55
C GLY B 527 37.59 7.81 -14.46
N LEU B 528 37.34 6.66 -15.12
CA LEU B 528 36.19 6.50 -16.00
C LEU B 528 34.94 6.19 -15.19
N PRO B 529 33.75 6.58 -15.70
CA PRO B 529 32.51 6.11 -15.06
C PRO B 529 32.41 4.58 -15.23
N THR B 530 31.89 3.89 -14.21
CA THR B 530 31.77 2.42 -14.22
C THR B 530 30.31 1.95 -14.08
N GLN B 531 30.04 0.76 -14.62
CA GLN B 531 28.78 0.03 -14.59
C GLN B 531 29.11 -1.45 -14.54
N THR B 532 28.33 -2.23 -13.80
CA THR B 532 28.46 -3.68 -13.90
C THR B 532 27.70 -4.02 -15.18
N VAL B 533 27.88 -5.23 -15.75
CA VAL B 533 27.11 -5.61 -16.94
C VAL B 533 25.60 -5.60 -16.63
N ASP B 534 25.24 -6.12 -15.46
CA ASP B 534 23.87 -6.22 -15.00
C ASP B 534 23.23 -4.83 -14.82
N SER B 535 23.98 -3.85 -14.31
CA SER B 535 23.42 -2.49 -14.18
C SER B 535 23.51 -1.67 -15.48
N SER B 536 24.26 -2.15 -16.48
CA SER B 536 24.39 -1.47 -17.79
C SER B 536 23.21 -1.77 -18.71
N GLN B 537 22.50 -2.92 -18.51
CA GLN B 537 21.34 -3.36 -19.31
C GLN B 537 20.33 -2.23 -19.48
N GLY B 538 19.94 -1.96 -20.73
CA GLY B 538 19.03 -0.87 -21.04
C GLY B 538 19.70 0.47 -21.36
N SER B 539 20.97 0.64 -21.00
CA SER B 539 21.74 1.88 -21.28
C SER B 539 22.63 1.75 -22.54
N GLU B 540 23.04 2.91 -23.14
CA GLU B 540 23.93 2.94 -24.29
C GLU B 540 24.92 4.08 -24.14
N TYR B 541 26.15 3.87 -24.59
CA TYR B 541 27.25 4.82 -24.50
C TYR B 541 28.05 4.80 -25.82
N ASP B 542 28.70 5.92 -26.20
CA ASP B 542 29.50 5.95 -27.44
C ASP B 542 30.65 4.94 -27.37
N TYR B 543 31.42 4.98 -26.26
CA TYR B 543 32.53 4.08 -26.10
C TYR B 543 32.40 3.27 -24.84
N VAL B 544 32.81 2.01 -24.91
CA VAL B 544 32.72 1.09 -23.80
C VAL B 544 34.05 0.39 -23.65
N ILE B 545 34.56 0.29 -22.43
CA ILE B 545 35.76 -0.50 -22.15
C ILE B 545 35.37 -1.63 -21.23
N PHE B 546 35.51 -2.85 -21.68
CA PHE B 546 35.11 -4.02 -20.93
C PHE B 546 36.30 -4.87 -20.54
N THR B 547 36.48 -5.13 -19.23
CA THR B 547 37.48 -6.11 -18.79
C THR B 547 36.72 -7.36 -18.25
N GLN B 548 36.94 -8.54 -18.83
CA GLN B 548 36.25 -9.74 -18.40
C GLN B 548 36.56 -10.17 -16.95
N THR B 549 37.73 -9.73 -16.42
CA THR B 549 38.22 -9.99 -15.04
C THR B 549 38.60 -11.49 -14.78
N THR B 550 37.65 -12.42 -14.93
CA THR B 550 37.86 -13.85 -14.65
C THR B 550 37.34 -14.72 -15.83
N GLU B 551 37.48 -16.06 -15.73
CA GLU B 551 36.96 -17.05 -16.68
C GLU B 551 35.86 -17.90 -16.04
N THR B 552 35.17 -17.37 -15.04
CA THR B 552 34.10 -18.08 -14.34
C THR B 552 32.86 -18.29 -15.23
N ALA B 553 31.88 -19.07 -14.73
CA ALA B 553 30.61 -19.24 -15.43
C ALA B 553 29.86 -17.87 -15.49
N HIS B 554 30.09 -16.98 -14.48
CA HIS B 554 29.50 -15.64 -14.37
C HIS B 554 30.04 -14.72 -15.45
N SER B 555 31.38 -14.60 -15.56
CA SER B 555 31.96 -13.71 -16.55
C SER B 555 31.91 -14.28 -17.98
N CYS B 556 31.63 -15.60 -18.17
CA CYS B 556 31.48 -16.23 -19.50
C CYS B 556 30.05 -16.42 -19.93
N ASN B 557 29.07 -16.02 -19.10
CA ASN B 557 27.66 -16.19 -19.45
C ASN B 557 27.36 -15.45 -20.75
N VAL B 558 26.80 -16.17 -21.76
CA VAL B 558 26.60 -15.55 -23.06
C VAL B 558 25.58 -14.40 -23.01
N ASN B 559 24.59 -14.43 -22.09
CA ASN B 559 23.60 -13.35 -22.00
C ASN B 559 24.24 -12.09 -21.47
N ARG B 560 25.10 -12.24 -20.46
CA ARG B 560 25.85 -11.16 -19.86
C ARG B 560 26.87 -10.64 -20.88
N PHE B 561 27.50 -11.54 -21.66
CA PHE B 561 28.46 -11.12 -22.68
C PHE B 561 27.78 -10.27 -23.76
N ASN B 562 26.59 -10.74 -24.20
CA ASN B 562 25.73 -10.08 -25.17
C ASN B 562 25.37 -8.65 -24.68
N VAL B 563 24.90 -8.52 -23.42
CA VAL B 563 24.55 -7.21 -22.85
C VAL B 563 25.79 -6.30 -22.73
N ALA B 564 26.91 -6.87 -22.27
CA ALA B 564 28.13 -6.09 -22.12
C ALA B 564 28.60 -5.40 -23.43
N ILE B 565 28.67 -6.12 -24.54
CA ILE B 565 29.21 -5.54 -25.77
C ILE B 565 28.18 -4.75 -26.58
N THR B 566 26.86 -4.99 -26.38
CA THR B 566 25.81 -4.24 -27.09
C THR B 566 25.45 -2.89 -26.43
N ARG B 567 26.30 -2.40 -25.50
CA ARG B 567 26.07 -1.09 -24.88
C ARG B 567 26.69 0.04 -25.75
N ALA B 568 27.67 -0.29 -26.62
CA ALA B 568 28.42 0.66 -27.44
C ALA B 568 27.72 1.09 -28.73
N LYS B 569 27.74 2.38 -28.96
CA LYS B 569 27.24 3.00 -30.17
C LYS B 569 28.39 3.15 -31.20
N VAL B 570 29.61 3.44 -30.74
CA VAL B 570 30.72 3.73 -31.64
C VAL B 570 31.89 2.72 -31.55
N GLY B 571 32.46 2.54 -30.37
CA GLY B 571 33.60 1.65 -30.21
C GLY B 571 33.59 0.88 -28.91
N ILE B 572 34.35 -0.22 -28.88
CA ILE B 572 34.51 -1.04 -27.70
C ILE B 572 35.92 -1.61 -27.62
N LEU B 573 36.45 -1.71 -26.41
CA LEU B 573 37.74 -2.36 -26.16
C LEU B 573 37.40 -3.51 -25.19
N CYS B 574 37.67 -4.75 -25.58
CA CYS B 574 37.38 -5.94 -24.77
C CYS B 574 38.65 -6.60 -24.33
N ILE B 575 38.99 -6.59 -23.03
CA ILE B 575 40.15 -7.29 -22.49
C ILE B 575 39.58 -8.58 -21.95
N MET B 576 39.75 -9.66 -22.72
CA MET B 576 39.22 -11.01 -22.49
C MET B 576 40.12 -11.91 -21.71
N SER B 577 39.48 -12.81 -20.97
CA SER B 577 40.07 -13.86 -20.15
C SER B 577 39.80 -15.23 -20.79
N ASP B 578 38.60 -15.40 -21.39
CA ASP B 578 38.12 -16.63 -21.99
C ASP B 578 38.48 -16.70 -23.46
N ARG B 579 39.19 -17.76 -23.89
CA ARG B 579 39.59 -17.98 -25.29
C ARG B 579 38.38 -18.15 -26.19
N ASP B 580 37.34 -18.84 -25.71
CA ASP B 580 36.11 -19.09 -26.45
C ASP B 580 35.45 -17.76 -26.88
N LEU B 581 35.03 -16.90 -25.93
CA LEU B 581 34.41 -15.63 -26.25
C LEU B 581 35.39 -14.69 -26.94
N TYR B 582 36.72 -14.78 -26.68
CA TYR B 582 37.69 -13.94 -27.37
C TYR B 582 37.68 -14.28 -28.87
N ASP B 583 37.70 -15.60 -29.18
CA ASP B 583 37.71 -16.10 -30.55
C ASP B 583 36.41 -15.81 -31.30
N LYS B 584 35.28 -15.68 -30.55
CA LYS B 584 33.94 -15.37 -31.03
C LYS B 584 33.76 -13.87 -31.36
N LEU B 585 34.57 -12.97 -30.76
CA LEU B 585 34.51 -11.54 -31.01
C LEU B 585 35.04 -11.18 -32.43
N GLN B 586 34.19 -10.54 -33.28
CA GLN B 586 34.59 -10.11 -34.62
C GLN B 586 35.16 -8.71 -34.59
N PHE B 587 36.22 -8.52 -33.78
CA PHE B 587 36.91 -7.27 -33.55
C PHE B 587 38.37 -7.37 -34.02
N THR B 588 39.02 -6.21 -34.19
CA THR B 588 40.43 -6.11 -34.52
C THR B 588 41.23 -6.53 -33.27
N SER B 589 42.10 -7.55 -33.38
CA SER B 589 42.90 -7.97 -32.24
C SER B 589 44.07 -6.99 -32.01
N LEU B 590 44.44 -6.77 -30.74
CA LEU B 590 45.52 -5.86 -30.37
C LEU B 590 46.63 -6.64 -29.64
N GLU B 591 47.87 -6.12 -29.69
CA GLU B 591 48.99 -6.77 -29.03
C GLU B 591 49.17 -6.29 -27.56
N ILE B 592 49.59 -7.20 -26.67
CA ILE B 592 49.83 -6.92 -25.25
C ILE B 592 51.16 -6.22 -25.06
N PRO B 593 51.16 -4.99 -24.52
CA PRO B 593 52.44 -4.28 -24.29
C PRO B 593 53.25 -4.77 -23.08
C4 UVA C . -28.67 13.74 42.94
C5 UVA C . -28.94 14.73 42.00
C6 UVA C . -28.24 15.93 42.03
C7 UVA C . -30.19 17.78 41.24
N UVA C . -26.56 17.31 43.07
C UVA C . -26.32 18.02 44.30
O UVA C . -27.67 18.17 40.82
C1 UVA C . -27.25 16.14 43.01
C2 UVA C . -27.01 15.13 43.95
C3 UVA C . -27.70 13.94 43.90
O1 UVA C . -28.80 16.41 39.53
S UVA C . -28.63 17.12 40.77
ZN ZN D . -19.55 32.08 -30.25
ZN ZN E . -22.22 21.09 -11.17
ZN ZN F . -29.75 11.16 -14.35
P PO4 G . -15.74 -0.32 26.71
O1 PO4 G . -15.36 1.17 27.16
O2 PO4 G . -17.23 -0.32 26.24
O3 PO4 G . -15.59 -1.34 27.94
O4 PO4 G . -14.76 -0.83 25.56
P PO4 H . -15.26 4.61 25.68
O1 PO4 H . -15.21 4.95 27.24
O2 PO4 H . -16.67 4.12 25.37
O3 PO4 H . -14.95 5.93 24.83
O4 PO4 H . -14.20 3.45 25.34
ZN ZN I . 4.95 -30.11 3.10
ZN ZN J . -5.23 -33.60 -3.77
ZN ZN K . 1.06 -37.27 23.44
P PO4 L . 15.58 -0.46 -27.54
O1 PO4 L . 14.25 0.07 -26.84
O2 PO4 L . 16.76 -0.75 -26.49
O3 PO4 L . 16.07 0.62 -28.54
O4 PO4 L . 15.28 -1.84 -28.31
P PO4 M . 18.52 -3.03 -24.60
O1 PO4 M . 17.71 -1.73 -24.16
O2 PO4 M . 19.08 -3.75 -23.36
O3 PO4 M . 19.77 -2.60 -25.51
O4 PO4 M . 17.55 -4.08 -25.33
#